data_8K3F
#
_entry.id   8K3F
#
_cell.length_a   231.427
_cell.length_b   64.186
_cell.length_c   74.621
_cell.angle_alpha   90.00
_cell.angle_beta   100.60
_cell.angle_gamma   90.00
#
_symmetry.space_group_name_H-M   'C 1 2 1'
#
loop_
_entity.id
_entity.type
_entity.pdbx_description
1 polymer 'Recombination protein RecR'
2 non-polymer 'ZINC ION'
3 water water
#
_entity_poly.entity_id   1
_entity_poly.type   'polypeptide(L)'
_entity_poly.pdbx_seq_one_letter_code
;GSAKDPMVKGLEKFNELVESFANLPTIGKKTAIRLAYHLCINNQIDGMKLAHNIENAIRFIKPCEQCGALSENELCEICS
DKERNKNILCIVESPKDILTLEESQSYNGLYFVLDELNEEKLEKLKQIILKLNISELIFALTHSINSDATIFFIEDKFKG
LNLTFSKIAQGIPSGVNLENVDLISLNKAMNFRTKI
;
_entity_poly.pdbx_strand_id   A,B,C,D
#
# COMPACT_ATOMS: atom_id res chain seq x y z
N PRO A 6 -20.19 -2.11 20.35
CA PRO A 6 -20.57 -3.21 19.45
C PRO A 6 -20.24 -2.92 17.98
N MET A 7 -20.06 -3.99 17.20
CA MET A 7 -19.75 -3.89 15.78
C MET A 7 -20.92 -4.25 14.87
N VAL A 8 -21.78 -5.16 15.31
CA VAL A 8 -23.02 -5.50 14.62
C VAL A 8 -24.13 -5.43 15.65
N LYS A 9 -25.14 -4.61 15.39
CA LYS A 9 -26.24 -4.40 16.33
C LYS A 9 -27.38 -5.36 16.04
N GLY A 10 -28.15 -5.66 17.07
CA GLY A 10 -29.26 -6.59 16.96
C GLY A 10 -28.91 -8.05 17.18
N LEU A 11 -27.88 -8.54 16.49
CA LEU A 11 -27.46 -9.94 16.60
C LEU A 11 -26.19 -10.00 17.44
N GLU A 12 -26.35 -10.26 18.74
CA GLU A 12 -25.23 -10.28 19.68
C GLU A 12 -24.36 -11.52 19.54
N LYS A 13 -24.96 -12.66 19.20
CA LYS A 13 -24.17 -13.87 19.02
C LYS A 13 -23.29 -13.76 17.79
N PHE A 14 -23.79 -13.12 16.74
CA PHE A 14 -22.99 -12.91 15.55
C PHE A 14 -21.98 -11.80 15.76
N ASN A 15 -22.33 -10.79 16.56
CA ASN A 15 -21.40 -9.70 16.81
C ASN A 15 -20.23 -10.17 17.66
N GLU A 16 -20.47 -11.07 18.61
CA GLU A 16 -19.37 -11.63 19.39
C GLU A 16 -18.40 -12.38 18.49
N LEU A 17 -18.93 -13.08 17.49
CA LEU A 17 -18.08 -13.76 16.51
C LEU A 17 -17.26 -12.76 15.71
N VAL A 18 -17.89 -11.68 15.26
CA VAL A 18 -17.17 -10.67 14.49
C VAL A 18 -16.07 -10.04 15.33
N GLU A 19 -16.37 -9.79 16.61
CA GLU A 19 -15.38 -9.18 17.49
C GLU A 19 -14.25 -10.16 17.80
N SER A 20 -14.55 -11.46 17.80
CA SER A 20 -13.50 -12.45 18.02
C SER A 20 -12.50 -12.42 16.89
N PHE A 21 -12.97 -12.18 15.66
CA PHE A 21 -12.06 -12.13 14.53
C PHE A 21 -11.28 -10.82 14.50
N ALA A 22 -11.89 -9.72 14.96
CA ALA A 22 -11.18 -8.45 14.98
C ALA A 22 -10.07 -8.44 16.02
N ASN A 23 -10.16 -9.29 17.04
CA ASN A 23 -9.08 -9.41 18.02
C ASN A 23 -7.83 -10.02 17.40
N LEU A 24 -7.98 -10.74 16.30
CA LEU A 24 -6.85 -11.40 15.68
C LEU A 24 -5.89 -10.36 15.10
N PRO A 25 -4.59 -10.54 15.27
CA PRO A 25 -3.62 -9.58 14.73
C PRO A 25 -3.76 -9.45 13.22
N THR A 26 -3.76 -8.20 12.75
CA THR A 26 -3.88 -7.85 11.33
C THR A 26 -5.25 -8.15 10.75
N ILE A 27 -6.29 -8.23 11.57
CA ILE A 27 -7.64 -8.47 11.08
C ILE A 27 -8.51 -7.32 11.57
N GLY A 28 -9.15 -6.63 10.63
CA GLY A 28 -10.00 -5.51 10.94
C GLY A 28 -11.48 -5.86 10.92
N LYS A 29 -12.30 -4.84 11.20
CA LYS A 29 -13.74 -5.06 11.29
C LYS A 29 -14.30 -5.55 9.97
N LYS A 30 -13.84 -5.00 8.85
CA LYS A 30 -14.36 -5.40 7.56
C LYS A 30 -14.05 -6.86 7.27
N THR A 31 -12.79 -7.26 7.49
CA THR A 31 -12.44 -8.68 7.32
C THR A 31 -13.17 -9.55 8.34
N ALA A 32 -13.29 -9.07 9.57
CA ALA A 32 -13.98 -9.84 10.60
C ALA A 32 -15.42 -10.17 10.21
N ILE A 33 -16.15 -9.18 9.67
CA ILE A 33 -17.53 -9.41 9.26
C ILE A 33 -17.59 -10.40 8.11
N ARG A 34 -16.68 -10.26 7.14
CA ARG A 34 -16.59 -11.19 6.02
C ARG A 34 -16.33 -12.61 6.52
N LEU A 35 -15.38 -12.78 7.44
CA LEU A 35 -15.06 -14.11 7.94
C LEU A 35 -16.22 -14.69 8.74
N ALA A 36 -16.84 -13.88 9.62
CA ALA A 36 -17.94 -14.39 10.42
C ALA A 36 -19.12 -14.80 9.54
N TYR A 37 -19.49 -13.95 8.57
CA TYR A 37 -20.60 -14.28 7.68
C TYR A 37 -20.25 -15.47 6.80
N HIS A 38 -18.99 -15.60 6.41
CA HIS A 38 -18.56 -16.76 5.65
C HIS A 38 -18.78 -18.05 6.42
N LEU A 39 -18.69 -17.98 7.75
CA LEU A 39 -18.89 -19.16 8.58
C LEU A 39 -20.34 -19.38 8.97
N CYS A 40 -21.16 -18.32 9.02
CA CYS A 40 -22.56 -18.50 9.39
C CYS A 40 -23.44 -18.85 8.20
N ILE A 41 -23.05 -18.45 6.99
CA ILE A 41 -23.89 -18.64 5.81
C ILE A 41 -23.43 -19.88 5.03
N ASN A 42 -22.29 -19.77 4.34
CA ASN A 42 -21.87 -20.84 3.44
C ASN A 42 -21.25 -21.99 4.21
N ASN A 43 -20.00 -21.84 4.64
CA ASN A 43 -19.24 -22.96 5.20
C ASN A 43 -19.63 -23.12 6.67
N GLN A 44 -20.81 -23.68 6.90
CA GLN A 44 -21.24 -23.94 8.26
C GLN A 44 -20.47 -25.10 8.87
N ILE A 45 -19.99 -26.03 8.04
CA ILE A 45 -19.23 -27.16 8.56
C ILE A 45 -17.73 -26.89 8.56
N ASP A 46 -17.23 -26.01 7.69
CA ASP A 46 -15.84 -25.59 7.81
C ASP A 46 -15.62 -24.80 9.09
N GLY A 47 -16.63 -24.04 9.53
CA GLY A 47 -16.49 -23.30 10.76
C GLY A 47 -16.55 -24.17 12.00
N MET A 48 -17.31 -25.26 11.93
CA MET A 48 -17.34 -26.18 13.06
C MET A 48 -16.02 -26.94 13.15
N LYS A 49 -15.38 -27.22 12.02
CA LYS A 49 -14.08 -27.88 12.07
C LYS A 49 -12.98 -26.91 12.49
N LEU A 50 -13.12 -25.62 12.15
CA LEU A 50 -12.14 -24.64 12.62
C LEU A 50 -12.21 -24.48 14.13
N ALA A 51 -13.44 -24.48 14.69
CA ALA A 51 -13.57 -24.45 16.15
C ALA A 51 -12.93 -25.68 16.78
N HIS A 52 -13.17 -26.85 16.19
CA HIS A 52 -12.56 -28.07 16.69
C HIS A 52 -11.04 -28.01 16.59
N ASN A 53 -10.52 -27.53 15.46
CA ASN A 53 -9.07 -27.46 15.28
C ASN A 53 -8.43 -26.43 16.23
N ILE A 54 -9.16 -25.36 16.57
CA ILE A 54 -8.64 -24.45 17.59
C ILE A 54 -8.52 -25.18 18.92
N GLU A 55 -9.63 -25.76 19.38
CA GLU A 55 -9.63 -26.45 20.66
C GLU A 55 -8.61 -27.58 20.69
N ASN A 56 -8.51 -28.33 19.61
CA ASN A 56 -7.59 -29.46 19.58
C ASN A 56 -6.14 -28.99 19.64
N ALA A 57 -5.80 -27.90 18.95
CA ALA A 57 -4.42 -27.45 18.96
C ALA A 57 -4.04 -26.84 20.30
N ILE A 58 -4.99 -26.18 20.97
CA ILE A 58 -4.68 -25.63 22.29
C ILE A 58 -4.55 -26.76 23.30
N ARG A 59 -5.28 -27.85 23.10
CA ARG A 59 -5.18 -28.99 24.00
C ARG A 59 -3.82 -29.66 23.92
N PHE A 60 -3.20 -29.69 22.74
CA PHE A 60 -2.06 -30.56 22.47
C PHE A 60 -0.72 -29.84 22.35
N ILE A 61 -0.70 -28.56 22.06
CA ILE A 61 0.56 -27.85 21.85
C ILE A 61 1.21 -27.54 23.20
N LYS A 62 2.47 -27.92 23.35
CA LYS A 62 3.26 -27.69 24.54
C LYS A 62 4.69 -27.38 24.09
N PRO A 63 5.46 -26.69 24.92
CA PRO A 63 6.87 -26.48 24.58
C PRO A 63 7.63 -27.80 24.66
N CYS A 64 8.54 -27.99 23.72
CA CYS A 64 9.41 -29.15 23.78
C CYS A 64 10.22 -29.13 25.06
N GLU A 65 10.26 -30.27 25.75
CA GLU A 65 10.91 -30.31 27.06
C GLU A 65 12.40 -30.01 26.97
N GLN A 66 13.03 -30.28 25.82
CA GLN A 66 14.45 -30.03 25.63
C GLN A 66 14.73 -28.60 25.17
N CYS A 67 14.15 -28.20 24.04
CA CYS A 67 14.55 -26.98 23.34
C CYS A 67 13.55 -25.84 23.44
N GLY A 68 12.28 -26.13 23.68
CA GLY A 68 11.28 -25.09 23.81
C GLY A 68 10.45 -24.87 22.57
N ALA A 69 10.66 -25.67 21.52
CA ALA A 69 9.95 -25.47 20.28
C ALA A 69 8.48 -25.87 20.41
N LEU A 70 7.70 -25.58 19.38
CA LEU A 70 6.34 -26.08 19.33
C LEU A 70 6.38 -27.61 19.27
N SER A 71 5.61 -28.26 20.14
CA SER A 71 5.63 -29.70 20.18
C SER A 71 4.26 -30.25 20.55
N GLU A 72 4.01 -31.48 20.13
CA GLU A 72 2.85 -32.23 20.56
C GLU A 72 3.22 -33.45 21.38
N ASN A 73 4.50 -33.70 21.56
CA ASN A 73 5.01 -34.76 22.42
C ASN A 73 5.96 -34.13 23.45
N GLU A 74 6.60 -34.99 24.25
CA GLU A 74 7.55 -34.48 25.22
C GLU A 74 8.79 -33.91 24.54
N LEU A 75 9.25 -34.58 23.48
CA LEU A 75 10.30 -34.08 22.61
C LEU A 75 9.70 -33.73 21.25
N CYS A 76 10.18 -32.63 20.67
CA CYS A 76 9.73 -32.23 19.34
C CYS A 76 10.33 -33.18 18.30
N GLU A 77 9.91 -32.99 17.05
CA GLU A 77 10.40 -33.86 15.98
C GLU A 77 11.86 -33.58 15.64
N ILE A 78 12.34 -32.37 15.89
CA ILE A 78 13.74 -32.07 15.61
C ILE A 78 14.63 -32.73 16.65
N CYS A 79 14.28 -32.61 17.93
CA CYS A 79 15.08 -33.21 18.98
C CYS A 79 15.00 -34.72 18.98
N SER A 80 14.02 -35.30 18.29
CA SER A 80 13.86 -36.74 18.19
C SER A 80 14.48 -37.31 16.93
N ASP A 81 14.97 -36.47 16.03
CA ASP A 81 15.54 -36.91 14.76
C ASP A 81 17.00 -37.27 14.99
N LYS A 82 17.32 -38.56 14.85
CA LYS A 82 18.70 -38.99 14.99
C LYS A 82 19.56 -38.59 13.81
N GLU A 83 18.94 -38.23 12.67
CA GLU A 83 19.70 -37.77 11.51
C GLU A 83 20.06 -36.30 11.59
N ARG A 84 19.75 -35.65 12.70
CA ARG A 84 20.10 -34.26 12.92
C ARG A 84 21.56 -34.13 13.36
N ASN A 85 22.19 -33.05 12.93
CA ASN A 85 23.55 -32.73 13.38
C ASN A 85 23.49 -32.34 14.84
N LYS A 86 23.87 -33.26 15.74
CA LYS A 86 23.71 -33.06 17.16
C LYS A 86 24.91 -32.38 17.80
N ASN A 87 25.81 -31.80 17.00
CA ASN A 87 26.95 -31.07 17.52
C ASN A 87 26.79 -29.57 17.41
N ILE A 88 25.72 -29.08 16.77
CA ILE A 88 25.50 -27.66 16.56
C ILE A 88 24.17 -27.24 17.18
N LEU A 89 24.18 -26.09 17.84
CA LEU A 89 23.01 -25.58 18.52
C LEU A 89 22.77 -24.14 18.09
N CYS A 90 21.55 -23.86 17.62
CA CYS A 90 21.17 -22.53 17.16
C CYS A 90 20.22 -21.93 18.18
N ILE A 91 20.60 -20.78 18.75
CA ILE A 91 19.82 -20.11 19.77
C ILE A 91 18.91 -19.09 19.11
N VAL A 92 17.61 -19.20 19.38
CA VAL A 92 16.60 -18.26 18.91
C VAL A 92 15.84 -17.74 20.14
N GLU A 93 15.14 -16.63 19.95
CA GLU A 93 14.40 -16.08 21.09
C GLU A 93 12.91 -16.39 21.05
N SER A 94 12.43 -17.07 20.00
CA SER A 94 11.03 -17.44 19.91
C SER A 94 10.87 -18.76 19.17
N PRO A 95 9.92 -19.61 19.58
CA PRO A 95 9.70 -20.85 18.81
C PRO A 95 9.24 -20.60 17.38
N LYS A 96 8.66 -19.44 17.09
CA LYS A 96 8.29 -19.15 15.71
C LYS A 96 9.53 -19.12 14.82
N ASP A 97 10.65 -18.62 15.36
CA ASP A 97 11.90 -18.56 14.60
C ASP A 97 12.36 -19.93 14.13
N ILE A 98 12.05 -20.98 14.88
CA ILE A 98 12.42 -22.31 14.40
C ILE A 98 11.63 -22.67 13.15
N LEU A 99 10.34 -22.36 13.14
CA LEU A 99 9.56 -22.58 11.93
C LEU A 99 10.17 -21.85 10.75
N THR A 100 10.62 -20.61 10.96
CA THR A 100 11.17 -19.83 9.86
C THR A 100 12.49 -20.42 9.39
N LEU A 101 13.39 -20.73 10.33
CA LEU A 101 14.70 -21.24 9.94
C LEU A 101 14.60 -22.64 9.35
N GLU A 102 13.67 -23.46 9.86
CA GLU A 102 13.48 -24.78 9.28
C GLU A 102 13.04 -24.65 7.82
N GLU A 103 12.23 -23.64 7.53
CA GLU A 103 11.69 -23.43 6.20
C GLU A 103 12.74 -22.86 5.25
N SER A 104 13.86 -22.35 5.78
CA SER A 104 14.91 -21.82 4.96
C SER A 104 15.79 -22.90 4.35
N GLN A 105 15.69 -24.13 4.86
CA GLN A 105 16.49 -25.27 4.36
C GLN A 105 17.98 -24.95 4.39
N SER A 106 18.43 -24.29 5.46
CA SER A 106 19.82 -23.90 5.58
C SER A 106 20.53 -24.59 6.74
N TYR A 107 19.81 -25.33 7.56
CA TYR A 107 20.32 -25.75 8.85
C TYR A 107 19.76 -27.13 9.18
N ASN A 108 20.60 -28.00 9.75
CA ASN A 108 20.18 -29.33 10.14
C ASN A 108 20.60 -29.65 11.57
N GLY A 109 20.94 -28.64 12.36
CA GLY A 109 21.32 -28.84 13.75
C GLY A 109 20.15 -28.83 14.70
N LEU A 110 20.45 -28.54 15.96
CA LEU A 110 19.42 -28.45 16.98
C LEU A 110 19.19 -26.99 17.33
N TYR A 111 18.04 -26.72 17.94
CA TYR A 111 17.67 -25.37 18.32
C TYR A 111 17.51 -25.29 19.83
N PHE A 112 17.62 -24.08 20.36
CA PHE A 112 17.32 -23.82 21.75
C PHE A 112 16.58 -22.50 21.82
N VAL A 113 15.41 -22.50 22.44
CA VAL A 113 14.64 -21.26 22.59
C VAL A 113 15.11 -20.59 23.88
N LEU A 114 15.82 -19.47 23.74
CA LEU A 114 16.30 -18.67 24.85
C LEU A 114 15.46 -17.39 24.95
N ASP A 115 14.21 -17.56 25.37
CA ASP A 115 13.33 -16.39 25.46
C ASP A 115 13.64 -15.54 26.68
N GLU A 116 14.21 -16.14 27.72
CA GLU A 116 14.59 -15.44 28.94
C GLU A 116 16.03 -15.81 29.31
N LEU A 117 16.61 -14.99 30.18
CA LEU A 117 17.99 -15.21 30.62
C LEU A 117 18.02 -15.66 32.07
N ASN A 118 17.29 -16.73 32.41
CA ASN A 118 17.24 -17.20 33.79
C ASN A 118 18.53 -17.92 34.16
N GLU A 119 18.57 -18.42 35.40
CA GLU A 119 19.58 -19.38 35.79
C GLU A 119 19.16 -20.80 35.44
N GLU A 120 17.86 -21.11 35.54
CA GLU A 120 17.40 -22.43 35.13
C GLU A 120 17.46 -22.60 33.62
N LYS A 121 17.05 -21.57 32.88
CA LYS A 121 17.16 -21.61 31.42
C LYS A 121 18.61 -21.81 30.99
N LEU A 122 19.53 -21.07 31.59
CA LEU A 122 20.93 -21.20 31.23
C LEU A 122 21.52 -22.53 31.69
N GLU A 123 21.12 -23.00 32.88
CA GLU A 123 21.60 -24.30 33.35
C GLU A 123 21.12 -25.41 32.43
N LYS A 124 19.90 -25.31 31.93
CA LYS A 124 19.39 -26.21 30.91
C LYS A 124 20.28 -26.16 29.67
N LEU A 125 20.58 -24.95 29.21
CA LEU A 125 21.47 -24.76 28.06
C LEU A 125 22.82 -25.42 28.30
N LYS A 126 23.41 -25.19 29.48
CA LYS A 126 24.70 -25.80 29.80
C LYS A 126 24.59 -27.32 29.79
N GLN A 127 23.50 -27.85 30.36
CA GLN A 127 23.30 -29.30 30.39
C GLN A 127 23.25 -29.88 28.98
N ILE A 128 22.56 -29.19 28.07
CA ILE A 128 22.46 -29.67 26.70
C ILE A 128 23.82 -29.62 26.01
N ILE A 129 24.54 -28.50 26.18
CA ILE A 129 25.84 -28.33 25.53
C ILE A 129 26.81 -29.44 25.95
N LEU A 130 26.85 -29.76 27.25
CA LEU A 130 27.77 -30.78 27.74
C LEU A 130 27.29 -32.18 27.39
N LYS A 131 26.00 -32.44 27.53
CA LYS A 131 25.47 -33.79 27.33
C LYS A 131 25.55 -34.23 25.87
N LEU A 132 25.58 -33.28 24.94
CA LEU A 132 25.67 -33.59 23.53
C LEU A 132 27.03 -33.21 22.95
N ASN A 133 27.93 -32.68 23.76
CA ASN A 133 29.24 -32.21 23.32
C ASN A 133 29.10 -31.27 22.13
N ILE A 134 28.29 -30.23 22.35
CA ILE A 134 28.07 -29.24 21.31
C ILE A 134 29.37 -28.52 21.02
N SER A 135 29.68 -28.34 19.74
CA SER A 135 30.92 -27.71 19.32
C SER A 135 30.72 -26.30 18.76
N GLU A 136 29.54 -25.98 18.22
CA GLU A 136 29.29 -24.63 17.72
C GLU A 136 27.94 -24.11 18.20
N LEU A 137 27.94 -22.84 18.60
CA LEU A 137 26.75 -22.12 19.05
C LEU A 137 26.44 -21.01 18.04
N ILE A 138 25.29 -21.11 17.38
CA ILE A 138 24.85 -20.12 16.40
C ILE A 138 23.79 -19.24 17.05
N PHE A 139 23.96 -17.93 16.96
CA PHE A 139 22.94 -17.00 17.44
C PHE A 139 22.14 -16.52 16.26
N ALA A 140 20.85 -16.82 16.24
CA ALA A 140 19.97 -16.32 15.19
C ALA A 140 18.97 -15.36 15.80
N LEU A 141 19.48 -14.29 16.39
CA LEU A 141 18.67 -13.27 17.03
C LEU A 141 18.57 -12.06 16.12
N THR A 142 17.52 -11.27 16.29
CA THR A 142 17.43 -10.04 15.52
C THR A 142 18.58 -9.12 15.91
N HIS A 143 19.14 -8.45 14.92
CA HIS A 143 20.29 -7.57 15.13
C HIS A 143 19.86 -6.31 15.87
N SER A 144 20.34 -6.18 17.10
CA SER A 144 20.00 -5.09 17.98
C SER A 144 21.01 -5.06 19.12
N ILE A 145 21.05 -3.93 19.84
CA ILE A 145 21.97 -3.80 20.96
C ILE A 145 21.60 -4.75 22.07
N ASN A 146 20.30 -4.88 22.36
CA ASN A 146 19.87 -5.80 23.41
C ASN A 146 20.24 -7.23 23.07
N SER A 147 20.14 -7.61 21.79
CA SER A 147 20.58 -8.94 21.39
C SER A 147 22.08 -9.09 21.53
N ASP A 148 22.84 -8.00 21.29
CA ASP A 148 24.29 -8.05 21.47
C ASP A 148 24.63 -8.31 22.93
N ALA A 149 23.85 -7.74 23.85
CA ALA A 149 24.08 -8.00 25.27
C ALA A 149 23.86 -9.47 25.61
N THR A 150 22.91 -10.12 24.96
CA THR A 150 22.66 -11.53 25.22
C THR A 150 23.81 -12.39 24.73
N ILE A 151 24.33 -12.10 23.54
CA ILE A 151 25.42 -12.90 22.99
C ILE A 151 26.66 -12.79 23.88
N PHE A 152 27.01 -11.56 24.26
CA PHE A 152 28.17 -11.35 25.12
C PHE A 152 27.99 -12.07 26.46
N PHE A 153 26.76 -12.09 26.98
CA PHE A 153 26.52 -12.80 28.24
C PHE A 153 26.74 -14.30 28.08
N ILE A 154 26.22 -14.89 26.99
CA ILE A 154 26.37 -16.32 26.77
C ILE A 154 27.80 -16.67 26.40
N GLU A 155 28.47 -15.77 25.67
CA GLU A 155 29.88 -16.00 25.33
C GLU A 155 30.74 -16.06 26.57
N ASP A 156 30.40 -15.27 27.60
CA ASP A 156 31.18 -15.26 28.83
C ASP A 156 30.82 -16.44 29.73
N LYS A 157 29.54 -16.74 29.88
CA LYS A 157 29.13 -17.84 30.75
C LYS A 157 29.73 -19.16 30.30
N PHE A 158 29.86 -19.34 29.00
CA PHE A 158 30.41 -20.56 28.39
C PHE A 158 31.82 -20.33 27.86
N LYS A 159 32.58 -19.49 28.58
CA LYS A 159 33.91 -19.09 28.14
C LYS A 159 34.82 -20.28 27.92
N GLY A 160 34.95 -21.14 28.92
CA GLY A 160 35.93 -22.19 28.81
C GLY A 160 35.34 -23.55 28.56
N LEU A 161 34.48 -23.62 27.54
CA LEU A 161 34.00 -24.89 27.02
C LEU A 161 34.55 -25.16 25.63
N ASN A 162 35.42 -24.27 25.14
CA ASN A 162 36.01 -24.38 23.80
C ASN A 162 34.93 -24.45 22.73
N LEU A 163 33.96 -23.56 22.84
CA LEU A 163 32.84 -23.49 21.91
C LEU A 163 33.16 -22.49 20.80
N THR A 164 32.65 -22.77 19.62
CA THR A 164 32.66 -21.82 18.53
C THR A 164 31.38 -21.00 18.58
N PHE A 165 31.51 -19.68 18.48
CA PHE A 165 30.36 -18.80 18.53
C PHE A 165 30.19 -18.12 17.17
N SER A 166 28.99 -18.21 16.61
CA SER A 166 28.68 -17.58 15.35
C SER A 166 27.28 -17.01 15.41
N LYS A 167 27.04 -16.01 14.55
CA LYS A 167 25.72 -15.43 14.39
C LYS A 167 25.37 -15.38 12.91
N ILE A 168 24.07 -15.34 12.61
CA ILE A 168 23.64 -15.27 11.22
C ILE A 168 24.13 -13.95 10.63
N ALA A 169 24.46 -13.98 9.34
CA ALA A 169 25.14 -12.85 8.71
C ALA A 169 24.26 -11.60 8.69
N GLN A 170 24.82 -10.50 9.18
CA GLN A 170 24.21 -9.18 9.09
C GLN A 170 24.76 -8.46 7.88
N GLY A 171 23.87 -7.91 7.06
CA GLY A 171 24.32 -7.10 5.94
C GLY A 171 23.16 -6.72 5.04
N ILE A 172 23.50 -6.46 3.79
CA ILE A 172 22.52 -6.06 2.80
C ILE A 172 21.86 -7.33 2.27
N PRO A 173 20.54 -7.37 2.10
CA PRO A 173 19.91 -8.59 1.59
C PRO A 173 20.24 -8.80 0.11
N SER A 174 20.07 -10.04 -0.31
CA SER A 174 20.45 -10.41 -1.67
C SER A 174 19.47 -9.82 -2.68
N GLY A 175 20.01 -9.37 -3.81
CA GLY A 175 19.18 -8.91 -4.91
C GLY A 175 18.43 -7.62 -4.68
N VAL A 176 19.05 -6.64 -4.01
CA VAL A 176 18.47 -5.32 -3.82
C VAL A 176 19.48 -4.29 -4.27
N ASN A 177 19.03 -3.32 -5.06
CA ASN A 177 19.92 -2.24 -5.48
C ASN A 177 20.22 -1.34 -4.29
N LEU A 178 21.44 -0.78 -4.28
CA LEU A 178 21.92 -0.01 -3.15
C LEU A 178 21.02 1.18 -2.82
N GLU A 179 20.40 1.79 -3.82
CA GLU A 179 19.53 2.93 -3.54
C GLU A 179 18.23 2.53 -2.87
N ASN A 180 17.95 1.24 -2.75
CA ASN A 180 16.76 0.76 -2.07
C ASN A 180 17.07 0.13 -0.73
N VAL A 181 18.32 0.10 -0.35
CA VAL A 181 18.75 -0.41 0.95
C VAL A 181 18.68 0.74 1.93
N ASP A 182 18.24 0.46 3.16
CA ASP A 182 18.21 1.47 4.20
C ASP A 182 19.63 1.96 4.51
N LEU A 183 19.77 3.28 4.68
CA LEU A 183 21.10 3.88 4.86
C LEU A 183 21.81 3.36 6.10
N ILE A 184 21.08 3.08 7.18
CA ILE A 184 21.73 2.55 8.38
C ILE A 184 22.25 1.14 8.13
N SER A 185 21.50 0.31 7.41
CA SER A 185 22.02 -0.99 7.05
C SER A 185 23.18 -0.88 6.07
N LEU A 186 23.14 0.13 5.20
CA LEU A 186 24.23 0.33 4.25
C LEU A 186 25.47 0.81 4.96
N ASN A 187 25.31 1.66 5.98
CA ASN A 187 26.47 2.08 6.77
C ASN A 187 27.10 0.89 7.48
N LYS A 188 26.28 0.03 8.08
CA LYS A 188 26.82 -1.15 8.77
C LYS A 188 27.57 -2.05 7.80
N ALA A 189 26.98 -2.35 6.65
CA ALA A 189 27.58 -3.28 5.72
C ALA A 189 28.90 -2.75 5.13
N MET A 190 29.15 -1.44 5.20
CA MET A 190 30.44 -0.93 4.76
C MET A 190 31.50 -1.09 5.84
N ASN A 191 31.12 -0.87 7.11
CA ASN A 191 32.03 -1.09 8.23
C ASN A 191 32.33 -2.56 8.44
N PHE A 192 31.30 -3.39 8.50
CA PHE A 192 31.49 -4.82 8.72
C PHE A 192 31.69 -5.57 7.43
N ARG A 193 32.26 -4.93 6.41
CA ARG A 193 32.55 -5.61 5.16
C ARG A 193 33.44 -6.83 5.40
N THR A 194 33.31 -7.80 4.51
CA THR A 194 33.90 -9.13 4.69
C THR A 194 34.84 -9.46 3.54
N LYS A 195 35.70 -10.45 3.78
CA LYS A 195 36.57 -10.95 2.74
C LYS A 195 35.77 -11.68 1.66
N LEU B 11 -6.16 19.28 -26.52
CA LEU B 11 -4.96 20.13 -26.43
C LEU B 11 -3.69 19.31 -26.65
N GLU B 12 -3.12 19.38 -27.85
CA GLU B 12 -1.99 18.52 -28.18
C GLU B 12 -0.72 18.95 -27.44
N LYS B 13 -0.53 20.24 -27.20
CA LYS B 13 0.67 20.66 -26.48
C LYS B 13 0.61 20.22 -25.02
N PHE B 14 -0.58 20.18 -24.42
CA PHE B 14 -0.70 19.76 -23.04
C PHE B 14 -0.54 18.25 -22.91
N ASN B 15 -1.04 17.49 -23.89
CA ASN B 15 -0.89 16.05 -23.84
C ASN B 15 0.56 15.64 -24.06
N GLU B 16 1.28 16.36 -24.93
CA GLU B 16 2.70 16.09 -25.12
C GLU B 16 3.47 16.30 -23.83
N LEU B 17 3.14 17.35 -23.07
CA LEU B 17 3.79 17.56 -21.78
C LEU B 17 3.47 16.42 -20.82
N VAL B 18 2.20 15.99 -20.80
CA VAL B 18 1.79 14.89 -19.93
C VAL B 18 2.52 13.61 -20.33
N GLU B 19 2.69 13.38 -21.64
CA GLU B 19 3.37 12.17 -22.07
C GLU B 19 4.86 12.21 -21.72
N SER B 20 5.47 13.39 -21.72
CA SER B 20 6.87 13.50 -21.32
C SER B 20 7.04 13.15 -19.86
N PHE B 21 6.06 13.49 -19.04
CA PHE B 21 6.13 13.18 -17.63
C PHE B 21 5.81 11.72 -17.35
N ALA B 22 4.90 11.12 -18.13
CA ALA B 22 4.58 9.72 -17.91
C ALA B 22 5.72 8.80 -18.36
N ASN B 23 6.57 9.26 -19.27
CA ASN B 23 7.73 8.48 -19.67
C ASN B 23 8.78 8.40 -18.57
N LEU B 24 8.73 9.31 -17.60
CA LEU B 24 9.70 9.31 -16.50
C LEU B 24 9.50 8.05 -15.64
N PRO B 25 10.59 7.41 -15.21
CA PRO B 25 10.46 6.21 -14.37
C PRO B 25 9.74 6.48 -13.06
N THR B 26 8.82 5.58 -12.71
CA THR B 26 8.00 5.63 -11.50
C THR B 26 7.01 6.78 -11.50
N ILE B 27 6.61 7.28 -12.67
CA ILE B 27 5.63 8.35 -12.79
C ILE B 27 4.48 7.85 -13.66
N GLY B 28 3.27 7.89 -13.13
CA GLY B 28 2.10 7.43 -13.86
C GLY B 28 1.34 8.58 -14.49
N LYS B 29 0.25 8.22 -15.18
CA LYS B 29 -0.54 9.23 -15.87
C LYS B 29 -1.12 10.24 -14.90
N LYS B 30 -1.59 9.79 -13.74
CA LYS B 30 -2.21 10.70 -12.79
C LYS B 30 -1.22 11.74 -12.30
N THR B 31 -0.04 11.29 -11.87
CA THR B 31 0.98 12.25 -11.47
C THR B 31 1.42 13.10 -12.66
N ALA B 32 1.58 12.47 -13.83
CA ALA B 32 1.97 13.22 -15.03
C ALA B 32 1.00 14.34 -15.32
N ILE B 33 -0.31 14.07 -15.22
CA ILE B 33 -1.32 15.08 -15.47
C ILE B 33 -1.25 16.20 -14.43
N ARG B 34 -1.17 15.83 -13.16
CA ARG B 34 -1.08 16.85 -12.12
C ARG B 34 0.13 17.76 -12.34
N LEU B 35 1.28 17.17 -12.68
CA LEU B 35 2.47 17.98 -12.91
C LEU B 35 2.27 18.96 -14.06
N ALA B 36 1.67 18.50 -15.15
CA ALA B 36 1.45 19.36 -16.31
C ALA B 36 0.51 20.50 -15.96
N TYR B 37 -0.61 20.20 -15.30
CA TYR B 37 -1.51 21.25 -14.85
C TYR B 37 -0.78 22.24 -13.95
N HIS B 38 0.13 21.75 -13.12
CA HIS B 38 0.86 22.63 -12.22
C HIS B 38 1.77 23.59 -12.97
N LEU B 39 2.28 23.19 -14.13
CA LEU B 39 3.17 24.07 -14.89
C LEU B 39 2.40 25.00 -15.82
N CYS B 40 1.22 24.61 -16.27
CA CYS B 40 0.45 25.44 -17.19
C CYS B 40 -0.44 26.46 -16.50
N ILE B 41 -0.79 26.27 -15.23
CA ILE B 41 -1.73 27.19 -14.59
C ILE B 41 -0.93 28.26 -13.85
N ASN B 42 -0.36 27.88 -12.71
CA ASN B 42 0.30 28.85 -11.83
C ASN B 42 1.70 29.19 -12.30
N ASN B 43 2.64 28.26 -12.11
CA ASN B 43 4.08 28.51 -12.19
C ASN B 43 4.57 28.57 -13.63
N GLN B 44 4.31 29.71 -14.27
CA GLN B 44 4.90 29.95 -15.59
C GLN B 44 6.39 30.28 -15.48
N ILE B 45 6.80 30.96 -14.42
CA ILE B 45 8.22 31.30 -14.22
C ILE B 45 9.00 30.08 -13.73
N ASP B 46 8.41 29.27 -12.85
CA ASP B 46 9.12 28.11 -12.32
C ASP B 46 9.23 27.00 -13.34
N GLY B 47 8.26 26.88 -14.25
CA GLY B 47 8.37 25.87 -15.29
C GLY B 47 9.43 26.22 -16.30
N MET B 48 9.65 27.52 -16.52
CA MET B 48 10.72 27.96 -17.39
C MET B 48 12.09 27.71 -16.75
N LYS B 49 12.16 27.79 -15.41
CA LYS B 49 13.42 27.50 -14.73
C LYS B 49 13.70 26.00 -14.69
N LEU B 50 12.65 25.18 -14.59
CA LEU B 50 12.88 23.74 -14.65
C LEU B 50 13.37 23.32 -16.03
N ALA B 51 12.82 23.93 -17.09
CA ALA B 51 13.32 23.66 -18.42
C ALA B 51 14.79 24.03 -18.52
N HIS B 52 15.15 25.22 -18.01
CA HIS B 52 16.54 25.67 -18.05
C HIS B 52 17.44 24.73 -17.26
N ASN B 53 16.97 24.23 -16.12
CA ASN B 53 17.80 23.38 -15.28
C ASN B 53 18.01 22.00 -15.90
N ILE B 54 17.02 21.50 -16.65
CA ILE B 54 17.23 20.26 -17.38
C ILE B 54 18.34 20.45 -18.42
N GLU B 55 18.19 21.47 -19.26
CA GLU B 55 19.17 21.74 -20.30
C GLU B 55 20.55 21.98 -19.71
N ASN B 56 20.62 22.73 -18.61
CA ASN B 56 21.91 23.08 -18.02
C ASN B 56 22.64 21.84 -17.46
N ALA B 57 21.90 20.92 -16.84
CA ALA B 57 22.55 19.75 -16.27
C ALA B 57 23.00 18.78 -17.34
N ILE B 58 22.26 18.68 -18.44
CA ILE B 58 22.67 17.79 -19.52
C ILE B 58 23.91 18.34 -20.21
N ARG B 59 24.04 19.66 -20.30
CA ARG B 59 25.19 20.27 -20.96
C ARG B 59 26.46 20.19 -20.13
N PHE B 60 26.37 20.11 -18.80
CA PHE B 60 27.55 20.15 -17.96
C PHE B 60 27.94 18.81 -17.33
N ILE B 61 27.04 17.84 -17.26
CA ILE B 61 27.33 16.58 -16.59
C ILE B 61 28.19 15.71 -17.50
N LYS B 62 29.32 15.24 -16.97
CA LYS B 62 30.22 14.37 -17.69
C LYS B 62 30.81 13.37 -16.71
N PRO B 63 31.25 12.20 -17.19
CA PRO B 63 31.90 11.25 -16.28
C PRO B 63 33.25 11.78 -15.84
N CYS B 64 33.56 11.58 -14.56
CA CYS B 64 34.87 11.97 -14.04
C CYS B 64 35.96 11.21 -14.79
N GLU B 65 36.98 11.94 -15.24
CA GLU B 65 38.02 11.31 -16.06
C GLU B 65 38.79 10.23 -15.28
N GLN B 66 38.85 10.33 -13.96
CA GLN B 66 39.56 9.32 -13.16
C GLN B 66 38.65 8.14 -12.81
N CYS B 67 37.52 8.39 -12.16
CA CYS B 67 36.73 7.32 -11.57
C CYS B 67 35.42 7.02 -12.29
N GLY B 68 34.87 7.97 -13.04
CA GLY B 68 33.63 7.74 -13.76
C GLY B 68 32.40 8.30 -13.09
N ALA B 69 32.54 8.98 -11.97
CA ALA B 69 31.39 9.48 -11.23
C ALA B 69 30.75 10.64 -11.99
N LEU B 70 29.59 11.05 -11.51
CA LEU B 70 29.00 12.28 -12.01
C LEU B 70 29.90 13.45 -11.65
N SER B 71 30.17 14.29 -12.64
CA SER B 71 31.06 15.42 -12.44
C SER B 71 30.61 16.58 -13.32
N GLU B 72 30.95 17.79 -12.90
CA GLU B 72 30.80 18.97 -13.72
C GLU B 72 32.13 19.58 -14.10
N ASN B 73 33.23 19.01 -13.63
CA ASN B 73 34.58 19.37 -14.05
C ASN B 73 35.29 18.11 -14.55
N GLU B 74 36.58 18.22 -14.85
CA GLU B 74 37.31 17.06 -15.35
C GLU B 74 37.49 16.02 -14.26
N LEU B 75 37.75 16.44 -13.04
CA LEU B 75 37.78 15.55 -11.89
C LEU B 75 36.59 15.86 -11.00
N CYS B 76 35.98 14.82 -10.44
CA CYS B 76 34.87 15.02 -9.53
C CYS B 76 35.38 15.57 -8.20
N GLU B 77 34.45 15.97 -7.33
CA GLU B 77 34.88 16.57 -6.08
C GLU B 77 35.49 15.53 -5.13
N ILE B 78 35.11 14.25 -5.27
CA ILE B 78 35.73 13.26 -4.41
C ILE B 78 37.17 13.03 -4.83
N CYS B 79 37.41 12.93 -6.14
CA CYS B 79 38.77 12.75 -6.61
C CYS B 79 39.63 14.00 -6.42
N SER B 80 39.00 15.14 -6.16
CA SER B 80 39.70 16.40 -5.92
C SER B 80 39.90 16.71 -4.44
N ASP B 81 39.34 15.90 -3.54
CA ASP B 81 39.42 16.17 -2.12
C ASP B 81 40.70 15.57 -1.56
N LYS B 82 41.57 16.42 -1.02
CA LYS B 82 42.83 15.97 -0.46
C LYS B 82 42.66 15.32 0.91
N GLU B 83 41.57 15.60 1.61
CA GLU B 83 41.32 14.95 2.89
C GLU B 83 40.70 13.56 2.75
N ARG B 84 40.58 13.06 1.52
CA ARG B 84 40.05 11.72 1.29
C ARG B 84 41.11 10.67 1.57
N ASN B 85 40.68 9.53 2.08
CA ASN B 85 41.57 8.39 2.26
C ASN B 85 41.94 7.86 0.88
N LYS B 86 43.13 8.20 0.41
CA LYS B 86 43.53 7.86 -0.95
C LYS B 86 44.22 6.51 -1.06
N ASN B 87 44.13 5.68 -0.03
CA ASN B 87 44.71 4.34 -0.07
C ASN B 87 43.67 3.24 -0.24
N ILE B 88 42.38 3.58 -0.27
CA ILE B 88 41.30 2.61 -0.42
C ILE B 88 40.49 2.97 -1.65
N LEU B 89 40.06 1.94 -2.39
CA LEU B 89 39.30 2.14 -3.61
C LEU B 89 38.04 1.29 -3.55
N CYS B 90 36.89 1.90 -3.76
CA CYS B 90 35.60 1.20 -3.72
C CYS B 90 35.07 1.05 -5.14
N ILE B 91 34.86 -0.19 -5.56
CA ILE B 91 34.38 -0.49 -6.91
C ILE B 91 32.86 -0.60 -6.90
N VAL B 92 32.20 0.19 -7.75
CA VAL B 92 30.76 0.14 -7.93
C VAL B 92 30.47 -0.06 -9.41
N GLU B 93 29.24 -0.46 -9.71
CA GLU B 93 28.87 -0.70 -11.09
C GLU B 93 28.06 0.44 -11.69
N SER B 94 27.73 1.46 -10.90
CA SER B 94 26.98 2.57 -11.44
C SER B 94 27.38 3.85 -10.74
N PRO B 95 27.42 4.98 -11.45
CA PRO B 95 27.71 6.25 -10.77
C PRO B 95 26.70 6.63 -9.73
N LYS B 96 25.47 6.10 -9.84
CA LYS B 96 24.44 6.32 -8.83
C LYS B 96 24.87 5.74 -7.49
N ASP B 97 25.56 4.59 -7.52
CA ASP B 97 26.02 3.94 -6.30
C ASP B 97 26.94 4.84 -5.50
N ILE B 98 27.70 5.72 -6.17
CA ILE B 98 28.53 6.67 -5.44
C ILE B 98 27.66 7.67 -4.70
N LEU B 99 26.58 8.14 -5.34
CA LEU B 99 25.65 9.01 -4.63
C LEU B 99 25.10 8.31 -3.39
N THR B 100 24.78 7.02 -3.51
CA THR B 100 24.20 6.30 -2.39
C THR B 100 25.23 6.06 -1.28
N LEU B 101 26.45 5.65 -1.63
CA LEU B 101 27.44 5.35 -0.60
C LEU B 101 27.88 6.61 0.11
N GLU B 102 27.97 7.73 -0.62
CA GLU B 102 28.28 9.01 0.01
C GLU B 102 27.21 9.38 1.01
N GLU B 103 25.95 9.06 0.70
CA GLU B 103 24.83 9.41 1.56
C GLU B 103 24.79 8.52 2.80
N SER B 104 25.49 7.39 2.79
CA SER B 104 25.51 6.52 3.97
C SER B 104 26.48 7.00 5.03
N GLN B 105 27.39 7.91 4.69
CA GLN B 105 28.39 8.43 5.63
C GLN B 105 29.22 7.32 6.24
N SER B 106 29.59 6.32 5.44
CA SER B 106 30.32 5.17 5.94
C SER B 106 31.71 5.01 5.35
N TYR B 107 32.09 5.84 4.37
CA TYR B 107 33.27 5.59 3.55
C TYR B 107 33.90 6.92 3.18
N ASN B 108 35.23 6.98 3.24
CA ASN B 108 35.95 8.20 2.94
C ASN B 108 37.09 7.95 1.96
N GLY B 109 37.07 6.82 1.28
CA GLY B 109 38.06 6.51 0.27
C GLY B 109 37.63 7.01 -1.09
N LEU B 110 38.20 6.40 -2.12
CA LEU B 110 37.88 6.75 -3.49
C LEU B 110 37.02 5.65 -4.09
N TYR B 111 36.38 5.99 -5.21
CA TYR B 111 35.50 5.08 -5.93
C TYR B 111 36.05 4.83 -7.32
N PHE B 112 35.59 3.73 -7.92
CA PHE B 112 35.83 3.46 -9.33
C PHE B 112 34.55 2.85 -9.90
N VAL B 113 34.04 3.45 -10.98
CA VAL B 113 32.83 2.95 -11.64
C VAL B 113 33.25 1.91 -12.67
N LEU B 114 32.93 0.65 -12.40
CA LEU B 114 33.26 -0.45 -13.31
C LEU B 114 31.98 -0.94 -13.99
N ASP B 115 31.44 -0.12 -14.89
CA ASP B 115 30.19 -0.51 -15.55
C ASP B 115 30.41 -1.57 -16.61
N GLU B 116 31.62 -1.67 -17.15
CA GLU B 116 31.98 -2.70 -18.11
C GLU B 116 33.31 -3.32 -17.71
N LEU B 117 33.59 -4.50 -18.26
CA LEU B 117 34.82 -5.22 -17.95
C LEU B 117 35.78 -5.20 -19.13
N ASN B 118 36.12 -4.01 -19.64
CA ASN B 118 36.98 -3.91 -20.80
C ASN B 118 38.42 -4.23 -20.41
N GLU B 119 39.30 -4.17 -21.41
CA GLU B 119 40.73 -4.10 -21.14
C GLU B 119 41.16 -2.68 -20.88
N GLU B 120 40.53 -1.72 -21.56
CA GLU B 120 40.82 -0.31 -21.28
C GLU B 120 40.31 0.09 -19.90
N LYS B 121 39.10 -0.36 -19.55
CA LYS B 121 38.57 -0.10 -18.22
C LYS B 121 39.45 -0.71 -17.13
N LEU B 122 39.90 -1.94 -17.34
CA LEU B 122 40.74 -2.59 -16.34
C LEU B 122 42.13 -1.96 -16.28
N GLU B 123 42.68 -1.56 -17.43
CA GLU B 123 43.97 -0.87 -17.43
C GLU B 123 43.88 0.45 -16.69
N LYS B 124 42.78 1.17 -16.86
CA LYS B 124 42.52 2.37 -16.09
C LYS B 124 42.54 2.07 -14.59
N LEU B 125 41.83 1.01 -14.20
CA LEU B 125 41.81 0.58 -12.80
C LEU B 125 43.22 0.31 -12.29
N LYS B 126 44.01 -0.42 -13.07
CA LYS B 126 45.37 -0.73 -12.65
C LYS B 126 46.20 0.53 -12.47
N GLN B 127 46.05 1.49 -13.39
CA GLN B 127 46.82 2.74 -13.29
C GLN B 127 46.51 3.48 -12.00
N ILE B 128 45.25 3.52 -11.59
CA ILE B 128 44.91 4.20 -10.34
C ILE B 128 45.50 3.44 -9.16
N ILE B 129 45.39 2.10 -9.19
CA ILE B 129 45.88 1.30 -8.07
C ILE B 129 47.39 1.50 -7.90
N LEU B 130 48.13 1.53 -9.00
CA LEU B 130 49.57 1.68 -8.92
C LEU B 130 49.98 3.10 -8.55
N LYS B 131 49.32 4.10 -9.14
CA LYS B 131 49.71 5.50 -8.94
C LYS B 131 49.38 6.02 -7.55
N LEU B 132 48.39 5.45 -6.86
CA LEU B 132 47.98 5.92 -5.55
C LEU B 132 48.38 4.97 -4.42
N ASN B 133 49.03 3.86 -4.75
CA ASN B 133 49.40 2.84 -3.77
C ASN B 133 48.19 2.38 -2.97
N ILE B 134 47.17 1.93 -3.72
CA ILE B 134 45.95 1.43 -3.11
C ILE B 134 46.29 0.16 -2.33
N SER B 135 45.76 0.06 -1.11
CA SER B 135 45.99 -1.11 -0.28
C SER B 135 44.76 -1.99 -0.11
N GLU B 136 43.56 -1.44 -0.26
CA GLU B 136 42.34 -2.23 -0.17
C GLU B 136 41.41 -1.91 -1.32
N LEU B 137 40.83 -2.95 -1.90
CA LEU B 137 39.82 -2.84 -2.94
C LEU B 137 38.51 -3.37 -2.38
N ILE B 138 37.52 -2.48 -2.26
CA ILE B 138 36.19 -2.84 -1.75
C ILE B 138 35.25 -3.01 -2.92
N PHE B 139 34.53 -4.13 -2.95
CA PHE B 139 33.51 -4.37 -3.95
C PHE B 139 32.15 -4.05 -3.34
N ALA B 140 31.46 -3.06 -3.91
CA ALA B 140 30.10 -2.75 -3.48
C ALA B 140 29.15 -3.02 -4.63
N LEU B 141 29.08 -4.27 -5.08
CA LEU B 141 28.25 -4.66 -6.21
C LEU B 141 26.99 -5.38 -5.71
N THR B 142 25.98 -5.39 -6.57
CA THR B 142 24.78 -6.15 -6.24
C THR B 142 25.13 -7.63 -6.14
N HIS B 143 24.52 -8.30 -5.17
CA HIS B 143 24.79 -9.70 -4.88
C HIS B 143 24.17 -10.56 -5.97
N SER B 144 25.03 -11.17 -6.79
CA SER B 144 24.58 -11.93 -7.94
C SER B 144 25.71 -12.81 -8.44
N ILE B 145 25.35 -13.79 -9.28
CA ILE B 145 26.36 -14.67 -9.86
C ILE B 145 27.26 -13.89 -10.82
N ASN B 146 26.67 -13.01 -11.63
CA ASN B 146 27.46 -12.22 -12.56
C ASN B 146 28.45 -11.33 -11.81
N SER B 147 28.03 -10.77 -10.67
CA SER B 147 28.93 -9.96 -9.85
C SER B 147 30.01 -10.80 -9.20
N ASP B 148 29.70 -12.05 -8.83
CA ASP B 148 30.74 -12.92 -8.32
C ASP B 148 31.78 -13.18 -9.40
N ALA B 149 31.33 -13.32 -10.65
CA ALA B 149 32.26 -13.49 -11.76
C ALA B 149 33.14 -12.27 -11.94
N THR B 150 32.60 -11.08 -11.69
CA THR B 150 33.42 -9.87 -11.77
C THR B 150 34.47 -9.84 -10.66
N ILE B 151 34.07 -10.21 -9.44
CA ILE B 151 34.99 -10.15 -8.31
C ILE B 151 36.16 -11.12 -8.53
N PHE B 152 35.86 -12.36 -8.92
CA PHE B 152 36.92 -13.34 -9.13
C PHE B 152 37.87 -12.89 -10.24
N PHE B 153 37.33 -12.28 -11.28
CA PHE B 153 38.16 -11.79 -12.38
C PHE B 153 39.12 -10.70 -11.90
N ILE B 154 38.64 -9.76 -11.09
CA ILE B 154 39.52 -8.70 -10.62
C ILE B 154 40.55 -9.24 -9.65
N GLU B 155 40.15 -10.19 -8.80
CA GLU B 155 41.09 -10.76 -7.85
C GLU B 155 42.23 -11.49 -8.55
N ASP B 156 41.95 -12.13 -9.69
CA ASP B 156 43.01 -12.82 -10.42
C ASP B 156 43.84 -11.84 -11.23
N LYS B 157 43.22 -10.89 -11.92
CA LYS B 157 43.99 -9.94 -12.74
C LYS B 157 44.96 -9.15 -11.87
N PHE B 158 44.56 -8.83 -10.64
CA PHE B 158 45.40 -8.09 -9.70
C PHE B 158 45.89 -9.01 -8.58
N LYS B 159 46.21 -10.27 -8.93
CA LYS B 159 46.51 -11.30 -7.94
C LYS B 159 47.59 -10.89 -6.94
N GLY B 160 48.77 -10.55 -7.44
CA GLY B 160 49.90 -10.31 -6.55
C GLY B 160 50.35 -8.88 -6.44
N LEU B 161 49.44 -7.98 -6.07
CA LEU B 161 49.75 -6.58 -5.85
C LEU B 161 49.75 -6.21 -4.37
N ASN B 162 49.68 -7.21 -3.49
CA ASN B 162 49.56 -6.99 -2.04
C ASN B 162 48.32 -6.16 -1.74
N LEU B 163 47.23 -6.50 -2.41
CA LEU B 163 45.95 -5.83 -2.23
C LEU B 163 45.10 -6.63 -1.28
N THR B 164 44.33 -5.93 -0.46
CA THR B 164 43.29 -6.54 0.36
C THR B 164 41.97 -6.46 -0.41
N PHE B 165 41.24 -7.57 -0.46
CA PHE B 165 39.96 -7.62 -1.15
C PHE B 165 38.85 -7.84 -0.14
N SER B 166 37.86 -6.96 -0.18
CA SER B 166 36.71 -7.07 0.71
C SER B 166 35.46 -6.70 -0.09
N LYS B 167 34.32 -7.17 0.39
CA LYS B 167 33.03 -6.79 -0.20
C LYS B 167 32.09 -6.31 0.90
N ILE B 168 31.09 -5.51 0.52
CA ILE B 168 30.13 -5.01 1.49
C ILE B 168 29.37 -6.19 2.07
N ALA B 169 29.04 -6.10 3.36
CA ALA B 169 28.49 -7.24 4.05
C ALA B 169 27.13 -7.64 3.47
N GLN B 170 26.97 -8.93 3.25
CA GLN B 170 25.73 -9.51 2.78
C GLN B 170 25.07 -10.31 3.89
N GLY B 171 23.78 -10.11 4.06
CA GLY B 171 23.04 -10.85 5.07
C GLY B 171 21.68 -10.24 5.34
N ILE B 172 21.20 -10.46 6.55
CA ILE B 172 19.89 -9.99 6.99
C ILE B 172 20.01 -8.53 7.41
N PRO B 173 19.04 -7.68 7.07
CA PRO B 173 19.12 -6.27 7.44
C PRO B 173 18.91 -6.09 8.93
N SER B 174 19.41 -4.96 9.43
CA SER B 174 19.26 -4.65 10.84
C SER B 174 17.80 -4.42 11.20
N GLY B 175 17.41 -4.89 12.38
CA GLY B 175 16.08 -4.64 12.91
C GLY B 175 14.93 -5.22 12.13
N VAL B 176 15.10 -6.43 11.57
CA VAL B 176 14.02 -7.12 10.86
C VAL B 176 13.87 -8.52 11.45
N ASN B 177 12.63 -8.89 11.74
CA ASN B 177 12.32 -10.22 12.24
C ASN B 177 12.47 -11.28 11.15
N LEU B 178 12.87 -12.49 11.58
CA LEU B 178 13.15 -13.59 10.65
C LEU B 178 11.96 -13.94 9.77
N GLU B 179 10.74 -13.84 10.28
CA GLU B 179 9.59 -14.24 9.47
C GLU B 179 9.30 -13.22 8.37
N ASN B 180 9.98 -12.08 8.36
CA ASN B 180 9.83 -11.10 7.31
C ASN B 180 11.05 -11.07 6.39
N VAL B 181 12.02 -11.92 6.65
CA VAL B 181 13.21 -12.07 5.81
C VAL B 181 12.89 -13.07 4.72
N ASP B 182 13.27 -12.74 3.50
CA ASP B 182 13.14 -13.67 2.38
C ASP B 182 13.89 -14.96 2.68
N LEU B 183 13.27 -16.08 2.35
CA LEU B 183 13.87 -17.38 2.67
C LEU B 183 15.24 -17.54 2.02
N ILE B 184 15.42 -17.01 0.80
CA ILE B 184 16.70 -17.19 0.11
C ILE B 184 17.80 -16.39 0.79
N SER B 185 17.50 -15.16 1.23
CA SER B 185 18.48 -14.39 1.99
C SER B 185 18.72 -15.02 3.36
N LEU B 186 17.70 -15.66 3.93
CA LEU B 186 17.87 -16.30 5.22
C LEU B 186 18.78 -17.51 5.12
N ASN B 187 18.64 -18.27 4.03
CA ASN B 187 19.52 -19.41 3.79
C ASN B 187 20.96 -18.94 3.66
N LYS B 188 21.19 -17.87 2.90
CA LYS B 188 22.54 -17.35 2.72
C LYS B 188 23.14 -16.95 4.05
N ALA B 189 22.38 -16.18 4.83
CA ALA B 189 22.89 -15.65 6.08
C ALA B 189 23.17 -16.74 7.09
N MET B 190 22.56 -17.91 6.94
CA MET B 190 22.85 -19.01 7.84
C MET B 190 24.09 -19.77 7.40
N ASN B 191 24.25 -20.00 6.09
CA ASN B 191 25.43 -20.69 5.59
C ASN B 191 26.66 -19.78 5.55
N PHE B 192 26.49 -18.47 5.63
CA PHE B 192 27.62 -17.54 5.70
C PHE B 192 27.69 -16.85 7.05
N ARG B 193 27.29 -17.54 8.11
CA ARG B 193 27.33 -16.95 9.45
C ARG B 193 28.74 -16.50 9.80
N THR B 194 28.82 -15.49 10.67
CA THR B 194 30.07 -14.82 11.02
C THR B 194 30.35 -15.00 12.51
N LYS B 195 31.48 -14.48 12.95
CA LYS B 195 31.89 -14.56 14.35
C LYS B 195 31.13 -13.55 15.22
N PRO C 6 1.95 -30.00 3.51
CA PRO C 6 1.84 -29.52 4.89
C PRO C 6 2.49 -28.15 5.06
N MET C 7 1.69 -27.14 5.44
CA MET C 7 2.21 -25.78 5.55
C MET C 7 3.13 -25.61 6.76
N VAL C 8 2.92 -26.42 7.80
CA VAL C 8 3.85 -26.51 8.93
C VAL C 8 4.13 -27.99 9.16
N LYS C 9 5.35 -28.42 8.85
CA LYS C 9 5.69 -29.83 8.95
C LYS C 9 6.08 -30.19 10.38
N GLY C 10 5.65 -31.38 10.82
CA GLY C 10 5.99 -31.93 12.11
C GLY C 10 4.87 -31.87 13.14
N LEU C 11 4.01 -30.86 13.03
CA LEU C 11 3.00 -30.56 14.06
C LEU C 11 1.60 -30.80 13.49
N GLU C 12 1.09 -32.02 13.66
CA GLU C 12 -0.15 -32.42 13.00
C GLU C 12 -1.32 -31.54 13.43
N LYS C 13 -1.57 -31.44 14.73
CA LYS C 13 -2.73 -30.67 15.20
C LYS C 13 -2.57 -29.19 14.89
N PHE C 14 -1.36 -28.65 15.07
CA PHE C 14 -1.12 -27.25 14.76
C PHE C 14 -1.31 -26.96 13.28
N ASN C 15 -0.81 -27.85 12.41
CA ASN C 15 -0.89 -27.59 10.98
C ASN C 15 -2.33 -27.68 10.47
N GLU C 16 -3.17 -28.50 11.11
CA GLU C 16 -4.57 -28.50 10.73
C GLU C 16 -5.24 -27.19 11.08
N LEU C 17 -4.85 -26.58 12.21
CA LEU C 17 -5.35 -25.24 12.53
C LEU C 17 -4.88 -24.21 11.50
N VAL C 18 -3.61 -24.31 11.08
CA VAL C 18 -3.10 -23.42 10.05
C VAL C 18 -3.90 -23.55 8.77
N GLU C 19 -4.09 -24.80 8.30
CA GLU C 19 -4.80 -25.02 7.05
C GLU C 19 -6.24 -24.51 7.12
N SER C 20 -6.83 -24.48 8.31
CA SER C 20 -8.18 -23.96 8.45
C SER C 20 -8.23 -22.45 8.23
N PHE C 21 -7.31 -21.71 8.85
CA PHE C 21 -7.26 -20.28 8.60
C PHE C 21 -6.98 -20.00 7.13
N ALA C 22 -6.06 -20.78 6.52
CA ALA C 22 -5.74 -20.59 5.11
C ALA C 22 -6.96 -20.78 4.21
N ASN C 23 -7.86 -21.70 4.57
CA ASN C 23 -9.11 -21.94 3.84
C ASN C 23 -10.16 -20.85 4.08
N LEU C 24 -9.76 -19.68 4.56
CA LEU C 24 -10.68 -18.56 4.72
C LEU C 24 -10.42 -17.52 3.65
N PRO C 25 -11.46 -16.81 3.20
CA PRO C 25 -11.26 -15.75 2.20
C PRO C 25 -10.28 -14.70 2.69
N THR C 26 -9.35 -14.34 1.80
CA THR C 26 -8.33 -13.30 1.99
C THR C 26 -7.27 -13.68 3.01
N ILE C 27 -7.19 -14.95 3.42
CA ILE C 27 -6.20 -15.39 4.40
C ILE C 27 -5.19 -16.28 3.71
N GLY C 28 -3.94 -15.84 3.68
CA GLY C 28 -2.87 -16.59 3.04
C GLY C 28 -2.10 -17.46 4.02
N LYS C 29 -0.99 -18.01 3.52
CA LYS C 29 -0.18 -18.93 4.32
C LYS C 29 0.46 -18.22 5.50
N LYS C 30 1.12 -17.08 5.24
CA LYS C 30 1.83 -16.37 6.29
C LYS C 30 0.88 -15.89 7.38
N THR C 31 -0.29 -15.40 7.00
CA THR C 31 -1.26 -14.97 7.99
C THR C 31 -1.80 -16.15 8.78
N ALA C 32 -2.06 -17.27 8.10
CA ALA C 32 -2.58 -18.45 8.78
C ALA C 32 -1.65 -18.90 9.88
N ILE C 33 -0.35 -19.04 9.57
CA ILE C 33 0.61 -19.46 10.59
C ILE C 33 0.65 -18.45 11.72
N ARG C 34 0.51 -17.16 11.39
CA ARG C 34 0.54 -16.12 12.40
C ARG C 34 -0.66 -16.23 13.34
N LEU C 35 -1.87 -16.39 12.78
CA LEU C 35 -3.05 -16.55 13.61
C LEU C 35 -2.98 -17.82 14.44
N ALA C 36 -2.71 -18.97 13.79
CA ALA C 36 -2.58 -20.22 14.54
C ALA C 36 -1.58 -20.07 15.68
N TYR C 37 -0.39 -19.56 15.39
CA TYR C 37 0.59 -19.33 16.44
C TYR C 37 0.02 -18.43 17.52
N HIS C 38 -0.67 -17.37 17.12
CA HIS C 38 -1.22 -16.42 18.09
C HIS C 38 -2.16 -17.11 19.07
N LEU C 39 -3.13 -17.86 18.56
CA LEU C 39 -4.07 -18.54 19.44
C LEU C 39 -3.43 -19.66 20.24
N CYS C 40 -2.37 -20.29 19.70
CA CYS C 40 -1.82 -21.45 20.39
C CYS C 40 -0.86 -21.08 21.51
N ILE C 41 -0.10 -19.99 21.37
CA ILE C 41 0.94 -19.63 22.32
C ILE C 41 0.61 -18.33 23.05
N ASN C 42 0.19 -17.30 22.32
CA ASN C 42 0.08 -15.97 22.92
C ASN C 42 -1.23 -15.76 23.66
N ASN C 43 -2.37 -16.24 23.11
CA ASN C 43 -3.64 -16.00 23.79
C ASN C 43 -4.58 -17.19 23.51
N GLN C 44 -4.46 -18.22 24.36
CA GLN C 44 -5.34 -19.38 24.25
C GLN C 44 -6.76 -19.06 24.66
N ILE C 45 -6.96 -18.01 25.46
CA ILE C 45 -8.32 -17.62 25.83
C ILE C 45 -9.03 -17.00 24.63
N ASP C 46 -8.33 -16.13 23.89
CA ASP C 46 -8.88 -15.60 22.65
C ASP C 46 -9.25 -16.72 21.68
N GLY C 47 -8.40 -17.75 21.59
CA GLY C 47 -8.73 -18.87 20.71
C GLY C 47 -9.96 -19.63 21.19
N MET C 48 -10.00 -19.94 22.48
CA MET C 48 -11.18 -20.56 23.08
C MET C 48 -12.43 -19.71 22.85
N LYS C 49 -12.33 -18.40 23.10
CA LYS C 49 -13.45 -17.50 22.82
C LYS C 49 -13.91 -17.64 21.38
N LEU C 50 -12.96 -17.73 20.45
CA LEU C 50 -13.32 -17.80 19.04
C LEU C 50 -14.02 -19.10 18.70
N ALA C 51 -13.52 -20.23 19.22
CA ALA C 51 -14.11 -21.52 18.88
C ALA C 51 -15.55 -21.62 19.37
N HIS C 52 -15.81 -21.19 20.60
CA HIS C 52 -17.18 -21.25 21.11
C HIS C 52 -18.06 -20.22 20.44
N ASN C 53 -17.51 -19.05 20.12
CA ASN C 53 -18.29 -18.06 19.39
C ASN C 53 -18.63 -18.53 17.98
N ILE C 54 -17.76 -19.31 17.35
CA ILE C 54 -18.09 -19.89 16.05
C ILE C 54 -19.26 -20.87 16.19
N GLU C 55 -19.17 -21.78 17.17
CA GLU C 55 -20.23 -22.75 17.39
C GLU C 55 -21.54 -22.07 17.78
N ASN C 56 -21.46 -21.04 18.62
CA ASN C 56 -22.67 -20.35 19.08
C ASN C 56 -23.40 -19.69 17.91
N ALA C 57 -22.66 -19.07 17.00
CA ALA C 57 -23.29 -18.34 15.91
C ALA C 57 -23.82 -19.28 14.83
N ILE C 58 -23.26 -20.47 14.71
CA ILE C 58 -23.77 -21.42 13.73
C ILE C 58 -25.04 -22.09 14.23
N ARG C 59 -25.21 -22.21 15.55
CA ARG C 59 -26.37 -22.86 16.14
C ARG C 59 -27.47 -21.88 16.55
N PHE C 60 -27.31 -20.59 16.27
CA PHE C 60 -28.31 -19.61 16.69
C PHE C 60 -28.71 -18.66 15.57
N ILE C 61 -27.79 -18.36 14.66
CA ILE C 61 -28.07 -17.43 13.56
C ILE C 61 -28.74 -18.19 12.42
N LYS C 62 -29.91 -17.72 12.02
CA LYS C 62 -30.70 -18.29 10.93
C LYS C 62 -31.29 -17.16 10.11
N PRO C 63 -31.66 -17.43 8.85
CA PRO C 63 -32.38 -16.41 8.07
C PRO C 63 -33.74 -16.13 8.68
N CYS C 64 -34.11 -14.86 8.69
CA CYS C 64 -35.38 -14.42 9.26
C CYS C 64 -36.56 -14.87 8.39
N GLU C 65 -37.67 -15.16 9.06
CA GLU C 65 -38.83 -15.75 8.37
C GLU C 65 -39.46 -14.77 7.39
N GLN C 66 -39.53 -13.48 7.75
CA GLN C 66 -40.15 -12.49 6.89
C GLN C 66 -39.19 -12.01 5.81
N CYS C 67 -38.03 -11.47 6.21
CA CYS C 67 -37.14 -10.80 5.27
C CYS C 67 -35.93 -11.62 4.85
N GLY C 68 -35.44 -12.53 5.69
CA GLY C 68 -34.24 -13.26 5.35
C GLY C 68 -32.94 -12.66 5.85
N ALA C 69 -33.02 -11.65 6.73
CA ALA C 69 -31.85 -11.13 7.39
C ALA C 69 -31.27 -12.18 8.34
N LEU C 70 -30.06 -11.89 8.83
CA LEU C 70 -29.52 -12.69 9.91
C LEU C 70 -30.40 -12.50 11.15
N SER C 71 -30.69 -13.60 11.83
CA SER C 71 -31.62 -13.57 12.95
C SER C 71 -31.31 -14.72 13.89
N GLU C 72 -31.47 -14.45 15.19
CA GLU C 72 -31.46 -15.51 16.19
C GLU C 72 -32.85 -16.08 16.45
N ASN C 73 -33.90 -15.31 16.16
CA ASN C 73 -35.27 -15.75 16.38
C ASN C 73 -35.96 -16.06 15.05
N GLU C 74 -37.28 -16.23 15.10
CA GLU C 74 -38.04 -16.45 13.88
C GLU C 74 -38.15 -15.16 13.07
N LEU C 75 -38.32 -14.03 13.76
CA LEU C 75 -38.28 -12.71 13.15
C LEU C 75 -37.07 -11.96 13.70
N CYS C 76 -36.41 -11.20 12.83
CA CYS C 76 -35.25 -10.41 13.23
C CYS C 76 -35.68 -9.29 14.17
N GLU C 77 -34.70 -8.56 14.69
CA GLU C 77 -35.00 -7.43 15.56
C GLU C 77 -35.64 -6.27 14.80
N ILE C 78 -35.37 -6.15 13.49
CA ILE C 78 -35.97 -5.08 12.70
C ILE C 78 -37.44 -5.37 12.39
N CYS C 79 -37.76 -6.63 12.04
CA CYS C 79 -39.16 -6.96 11.78
C CYS C 79 -39.97 -6.98 13.06
N SER C 80 -39.34 -7.33 14.18
CA SER C 80 -40.02 -7.35 15.48
C SER C 80 -40.07 -5.99 16.14
N ASP C 81 -39.59 -4.93 15.47
CA ASP C 81 -39.52 -3.61 16.05
C ASP C 81 -40.75 -2.81 15.62
N LYS C 82 -41.54 -2.39 16.61
CA LYS C 82 -42.73 -1.58 16.33
C LYS C 82 -42.39 -0.12 16.04
N GLU C 83 -41.20 0.34 16.45
CA GLU C 83 -40.80 1.71 16.19
C GLU C 83 -40.35 1.96 14.77
N ARG C 84 -40.24 0.92 13.94
CA ARG C 84 -39.81 1.09 12.57
C ARG C 84 -40.96 1.59 11.69
N ASN C 85 -40.60 2.26 10.60
CA ASN C 85 -41.56 2.65 9.58
C ASN C 85 -41.97 1.38 8.83
N LYS C 86 -43.15 0.85 9.15
CA LYS C 86 -43.60 -0.39 8.54
C LYS C 86 -44.25 -0.18 7.17
N ASN C 87 -44.06 0.99 6.55
CA ASN C 87 -44.60 1.26 5.22
C ASN C 87 -43.55 1.33 4.13
N ILE C 88 -42.27 1.17 4.47
CA ILE C 88 -41.18 1.24 3.50
C ILE C 88 -40.42 -0.07 3.53
N LEU C 89 -40.01 -0.54 2.35
CA LEU C 89 -39.32 -1.81 2.21
C LEU C 89 -38.13 -1.61 1.28
N CYS C 90 -36.94 -1.93 1.77
CA CYS C 90 -35.70 -1.80 1.01
C CYS C 90 -35.23 -3.17 0.55
N ILE C 91 -35.02 -3.33 -0.75
CA ILE C 91 -34.61 -4.61 -1.32
C ILE C 91 -33.09 -4.65 -1.44
N VAL C 92 -32.49 -5.76 -0.98
CA VAL C 92 -31.06 -6.02 -1.04
C VAL C 92 -30.81 -7.41 -1.61
N GLU C 93 -29.56 -7.66 -2.01
CA GLU C 93 -29.17 -8.96 -2.56
C GLU C 93 -28.73 -9.95 -1.50
N SER C 94 -28.26 -9.47 -0.35
CA SER C 94 -27.61 -10.33 0.63
C SER C 94 -27.85 -9.78 2.02
N PRO C 95 -27.97 -10.64 3.03
CA PRO C 95 -28.18 -10.13 4.40
C PRO C 95 -27.06 -9.23 4.88
N LYS C 96 -25.82 -9.45 4.40
CA LYS C 96 -24.72 -8.55 4.75
C LYS C 96 -25.06 -7.11 4.43
N ASP C 97 -25.78 -6.89 3.33
CA ASP C 97 -26.12 -5.52 2.95
C ASP C 97 -27.02 -4.84 3.98
N ILE C 98 -27.75 -5.61 4.79
CA ILE C 98 -28.60 -5.01 5.81
C ILE C 98 -27.75 -4.47 6.96
N LEU C 99 -26.76 -5.24 7.40
CA LEU C 99 -25.78 -4.74 8.36
C LEU C 99 -25.19 -3.42 7.89
N THR C 100 -24.72 -3.39 6.63
CA THR C 100 -24.08 -2.18 6.10
C THR C 100 -25.02 -0.99 6.16
N LEU C 101 -26.25 -1.18 5.66
CA LEU C 101 -27.22 -0.09 5.61
C LEU C 101 -27.68 0.33 7.00
N GLU C 102 -27.79 -0.61 7.94
CA GLU C 102 -28.17 -0.24 9.29
C GLU C 102 -27.10 0.59 9.97
N GLU C 103 -25.83 0.35 9.64
CA GLU C 103 -24.74 1.09 10.23
C GLU C 103 -24.68 2.52 9.75
N SER C 104 -25.27 2.82 8.59
CA SER C 104 -25.30 4.17 8.05
C SER C 104 -26.29 5.08 8.76
N GLN C 105 -27.18 4.52 9.60
CA GLN C 105 -28.18 5.28 10.35
C GLN C 105 -28.92 6.27 9.45
N SER C 106 -29.31 5.79 8.26
CA SER C 106 -30.01 6.61 7.29
C SER C 106 -31.40 6.09 6.99
N TYR C 107 -31.84 5.02 7.63
CA TYR C 107 -33.04 4.34 7.20
C TYR C 107 -33.72 3.70 8.39
N ASN C 108 -35.05 3.86 8.46
CA ASN C 108 -35.85 3.33 9.56
C ASN C 108 -36.94 2.39 9.07
N GLY C 109 -36.97 2.07 7.78
CA GLY C 109 -37.94 1.16 7.23
C GLY C 109 -37.56 -0.29 7.38
N LEU C 110 -38.13 -1.13 6.52
CA LEU C 110 -37.96 -2.58 6.57
C LEU C 110 -37.17 -3.05 5.36
N TYR C 111 -36.71 -4.31 5.44
CA TYR C 111 -35.85 -4.89 4.42
C TYR C 111 -36.44 -6.18 3.89
N PHE C 112 -35.94 -6.59 2.73
CA PHE C 112 -36.25 -7.89 2.14
C PHE C 112 -35.07 -8.34 1.31
N VAL C 113 -34.57 -9.54 1.57
CA VAL C 113 -33.44 -10.08 0.83
C VAL C 113 -33.96 -10.76 -0.43
N LEU C 114 -33.65 -10.18 -1.58
CA LEU C 114 -34.01 -10.73 -2.88
C LEU C 114 -32.73 -11.30 -3.49
N ASP C 115 -32.40 -12.53 -3.14
CA ASP C 115 -31.26 -13.22 -3.72
C ASP C 115 -31.64 -14.02 -4.95
N GLU C 116 -32.89 -14.46 -5.05
CA GLU C 116 -33.37 -15.21 -6.20
C GLU C 116 -34.64 -14.57 -6.73
N LEU C 117 -35.00 -14.95 -7.97
CA LEU C 117 -36.19 -14.44 -8.64
C LEU C 117 -37.20 -15.55 -8.90
N ASN C 118 -37.20 -16.60 -8.08
CA ASN C 118 -38.20 -17.65 -8.22
C ASN C 118 -39.55 -17.13 -7.74
N GLU C 119 -40.61 -17.60 -8.41
CA GLU C 119 -41.94 -17.04 -8.19
C GLU C 119 -42.39 -17.15 -6.72
N GLU C 120 -41.92 -18.17 -6.00
CA GLU C 120 -42.27 -18.28 -4.59
C GLU C 120 -41.69 -17.13 -3.79
N LYS C 121 -40.43 -16.79 -4.04
CA LYS C 121 -39.80 -15.65 -3.37
C LYS C 121 -40.56 -14.35 -3.66
N LEU C 122 -41.09 -14.21 -4.87
CA LEU C 122 -41.76 -12.97 -5.24
C LEU C 122 -43.17 -12.88 -4.66
N GLU C 123 -43.85 -14.01 -4.44
CA GLU C 123 -45.15 -13.96 -3.79
C GLU C 123 -45.03 -13.52 -2.33
N LYS C 124 -44.02 -14.03 -1.63
CA LYS C 124 -43.72 -13.57 -0.27
C LYS C 124 -43.58 -12.06 -0.25
N LEU C 125 -42.66 -11.54 -1.06
CA LEU C 125 -42.48 -10.11 -1.23
C LEU C 125 -43.81 -9.39 -1.49
N LYS C 126 -44.58 -9.88 -2.48
CA LYS C 126 -45.87 -9.26 -2.78
C LYS C 126 -46.81 -9.34 -1.59
N GLN C 127 -46.86 -10.49 -0.91
CA GLN C 127 -47.72 -10.62 0.25
C GLN C 127 -47.28 -9.70 1.38
N ILE C 128 -45.96 -9.48 1.50
CA ILE C 128 -45.44 -8.55 2.50
C ILE C 128 -45.87 -7.12 2.17
N ILE C 129 -45.67 -6.72 0.91
CA ILE C 129 -46.11 -5.41 0.44
C ILE C 129 -47.59 -5.22 0.73
N LEU C 130 -48.40 -6.25 0.49
CA LEU C 130 -49.83 -6.13 0.74
C LEU C 130 -50.14 -6.10 2.23
N LYS C 131 -49.69 -7.13 2.96
CA LYS C 131 -50.03 -7.23 4.38
C LYS C 131 -49.55 -6.02 5.19
N LEU C 132 -48.43 -5.42 4.79
CA LEU C 132 -47.84 -4.30 5.52
C LEU C 132 -48.18 -2.94 4.94
N ASN C 133 -48.84 -2.90 3.77
CA ASN C 133 -49.19 -1.64 3.09
C ASN C 133 -47.93 -0.85 2.73
N ILE C 134 -46.96 -1.54 2.12
CA ILE C 134 -45.77 -0.86 1.63
C ILE C 134 -46.18 0.11 0.53
N SER C 135 -45.74 1.37 0.68
CA SER C 135 -45.96 2.40 -0.33
C SER C 135 -44.68 2.84 -1.04
N GLU C 136 -43.50 2.51 -0.51
CA GLU C 136 -42.24 2.80 -1.18
C GLU C 136 -41.38 1.55 -1.18
N LEU C 137 -40.81 1.22 -2.33
CA LEU C 137 -39.93 0.07 -2.49
C LEU C 137 -38.57 0.57 -2.92
N ILE C 138 -37.59 0.52 -2.01
CA ILE C 138 -36.24 1.01 -2.28
C ILE C 138 -35.41 -0.12 -2.83
N PHE C 139 -34.67 0.15 -3.91
CA PHE C 139 -33.72 -0.81 -4.47
C PHE C 139 -32.31 -0.39 -4.07
N ALA C 140 -31.77 -1.03 -3.02
CA ALA C 140 -30.37 -0.83 -2.65
C ALA C 140 -29.52 -1.99 -3.18
N LEU C 141 -29.32 -1.96 -4.49
CA LEU C 141 -28.50 -2.93 -5.22
C LEU C 141 -27.29 -2.23 -5.80
N THR C 142 -26.23 -3.00 -6.05
CA THR C 142 -25.09 -2.44 -6.76
C THR C 142 -25.53 -1.98 -8.13
N HIS C 143 -25.18 -0.74 -8.48
CA HIS C 143 -25.54 -0.19 -9.79
C HIS C 143 -24.83 -0.98 -10.89
N SER C 144 -25.60 -1.74 -11.65
CA SER C 144 -25.07 -2.62 -12.68
C SER C 144 -26.15 -2.84 -13.73
N ILE C 145 -25.75 -3.47 -14.84
CA ILE C 145 -26.72 -3.79 -15.88
C ILE C 145 -27.66 -4.89 -15.41
N ASN C 146 -27.14 -5.86 -14.64
CA ASN C 146 -27.99 -6.91 -14.11
C ASN C 146 -28.89 -6.42 -12.99
N SER C 147 -28.53 -5.30 -12.35
CA SER C 147 -29.45 -4.73 -11.36
C SER C 147 -30.57 -3.96 -12.01
N ASP C 148 -30.29 -3.29 -13.14
CA ASP C 148 -31.34 -2.60 -13.88
C ASP C 148 -32.38 -3.58 -14.40
N ALA C 149 -31.94 -4.72 -14.91
CA ALA C 149 -32.87 -5.75 -15.35
C ALA C 149 -33.75 -6.22 -14.20
N THR C 150 -33.17 -6.39 -13.01
CA THR C 150 -33.97 -6.77 -11.85
C THR C 150 -34.97 -5.69 -11.51
N ILE C 151 -34.51 -4.43 -11.45
CA ILE C 151 -35.40 -3.32 -11.13
C ILE C 151 -36.53 -3.24 -12.15
N PHE C 152 -36.20 -3.39 -13.45
CA PHE C 152 -37.23 -3.39 -14.47
C PHE C 152 -38.19 -4.57 -14.32
N PHE C 153 -37.65 -5.76 -14.02
CA PHE C 153 -38.50 -6.93 -13.84
C PHE C 153 -39.46 -6.75 -12.67
N ILE C 154 -38.93 -6.32 -11.51
CA ILE C 154 -39.77 -6.10 -10.34
C ILE C 154 -40.77 -4.98 -10.58
N GLU C 155 -40.33 -3.91 -11.26
CA GLU C 155 -41.23 -2.80 -11.54
C GLU C 155 -42.41 -3.26 -12.40
N ASP C 156 -42.20 -4.26 -13.24
CA ASP C 156 -43.29 -4.76 -14.07
C ASP C 156 -44.20 -5.69 -13.29
N LYS C 157 -43.63 -6.58 -12.47
CA LYS C 157 -44.45 -7.52 -11.72
C LYS C 157 -45.37 -6.81 -10.74
N PHE C 158 -44.92 -5.72 -10.14
CA PHE C 158 -45.72 -4.98 -9.16
C PHE C 158 -46.32 -3.71 -9.75
N LYS C 159 -46.80 -3.77 -10.99
CA LYS C 159 -47.19 -2.56 -11.70
C LYS C 159 -48.45 -1.92 -11.12
N GLY C 160 -49.35 -2.72 -10.54
CA GLY C 160 -50.63 -2.19 -10.10
C GLY C 160 -50.83 -2.11 -8.60
N LEU C 161 -49.75 -2.06 -7.85
CA LEU C 161 -49.81 -1.95 -6.39
C LEU C 161 -49.60 -0.53 -5.89
N ASN C 162 -49.57 0.45 -6.79
CA ASN C 162 -49.38 1.86 -6.46
C ASN C 162 -48.14 2.07 -5.59
N LEU C 163 -47.02 1.50 -6.03
CA LEU C 163 -45.75 1.64 -5.33
C LEU C 163 -44.95 2.82 -5.89
N THR C 164 -44.32 3.56 -4.99
CA THR C 164 -43.20 4.42 -5.38
C THR C 164 -41.96 3.56 -5.48
N PHE C 165 -41.28 3.59 -6.63
CA PHE C 165 -40.04 2.85 -6.82
C PHE C 165 -38.86 3.82 -6.77
N SER C 166 -37.89 3.52 -5.92
CA SER C 166 -36.69 4.32 -5.80
C SER C 166 -35.46 3.44 -5.77
N LYS C 167 -34.31 4.08 -5.97
CA LYS C 167 -33.00 3.44 -5.92
C LYS C 167 -32.08 4.37 -5.17
N ILE C 168 -31.23 3.80 -4.30
CA ILE C 168 -30.22 4.60 -3.61
C ILE C 168 -29.43 5.38 -4.66
N ALA C 169 -29.01 6.59 -4.30
CA ALA C 169 -28.40 7.49 -5.26
C ALA C 169 -27.17 6.88 -5.89
N GLN C 170 -27.07 7.04 -7.21
CA GLN C 170 -25.85 6.75 -7.96
C GLN C 170 -25.18 8.09 -8.23
N GLY C 171 -23.94 8.25 -7.77
CA GLY C 171 -23.26 9.53 -7.85
C GLY C 171 -21.82 9.50 -7.37
N ILE C 172 -21.32 10.64 -6.90
CA ILE C 172 -19.92 10.81 -6.55
C ILE C 172 -19.76 10.52 -5.06
N PRO C 173 -18.90 9.59 -4.65
CA PRO C 173 -18.75 9.30 -3.23
C PRO C 173 -17.97 10.40 -2.53
N SER C 174 -18.00 10.34 -1.20
CA SER C 174 -17.30 11.30 -0.36
C SER C 174 -15.79 11.26 -0.62
N GLY C 175 -15.20 12.44 -0.83
CA GLY C 175 -13.76 12.57 -0.95
C GLY C 175 -13.13 11.96 -2.18
N VAL C 176 -13.82 12.01 -3.32
CA VAL C 176 -13.34 11.41 -4.56
C VAL C 176 -13.31 12.48 -5.63
N ASN C 177 -12.18 12.58 -6.33
CA ASN C 177 -12.05 13.48 -7.46
C ASN C 177 -12.98 13.03 -8.59
N LEU C 178 -13.37 14.00 -9.43
CA LEU C 178 -14.38 13.73 -10.43
C LEU C 178 -13.90 12.73 -11.48
N GLU C 179 -12.61 12.79 -11.85
CA GLU C 179 -12.09 11.85 -12.83
C GLU C 179 -11.98 10.43 -12.30
N ASN C 180 -12.12 10.22 -10.99
CA ASN C 180 -11.98 8.91 -10.40
C ASN C 180 -13.29 8.14 -10.33
N VAL C 181 -14.35 8.66 -10.92
CA VAL C 181 -15.62 7.96 -10.99
C VAL C 181 -15.89 7.61 -12.44
N ASP C 182 -16.76 6.62 -12.63
CA ASP C 182 -17.13 6.21 -13.97
C ASP C 182 -18.05 7.24 -14.61
N LEU C 183 -17.96 7.34 -15.94
CA LEU C 183 -18.67 8.40 -16.66
C LEU C 183 -20.18 8.30 -16.48
N ILE C 184 -20.71 7.09 -16.29
CA ILE C 184 -22.15 6.92 -16.13
C ILE C 184 -22.62 7.51 -14.81
N SER C 185 -21.90 7.22 -13.72
CA SER C 185 -22.25 7.78 -12.42
C SER C 185 -22.11 9.30 -12.43
N LEU C 186 -21.08 9.79 -13.12
CA LEU C 186 -20.91 11.23 -13.29
C LEU C 186 -22.09 11.83 -14.06
N ASN C 187 -22.42 11.22 -15.20
CA ASN C 187 -23.58 11.65 -15.99
C ASN C 187 -24.85 11.71 -15.14
N LYS C 188 -25.06 10.69 -14.29
CA LYS C 188 -26.24 10.69 -13.43
C LYS C 188 -26.10 11.68 -12.28
N ALA C 189 -24.88 11.86 -11.74
CA ALA C 189 -24.70 12.82 -10.67
C ALA C 189 -25.00 14.24 -11.14
N MET C 190 -24.80 14.52 -12.42
CA MET C 190 -25.13 15.83 -12.98
C MET C 190 -26.58 15.96 -13.43
N ASN C 191 -27.24 14.85 -13.76
CA ASN C 191 -28.63 14.88 -14.19
C ASN C 191 -29.62 14.82 -13.04
N PHE C 192 -29.18 14.48 -11.84
CA PHE C 192 -30.07 14.37 -10.68
C PHE C 192 -29.45 15.11 -9.50
N ARG C 193 -29.25 16.42 -9.68
CA ARG C 193 -28.57 17.23 -8.68
C ARG C 193 -29.48 17.51 -7.50
N THR C 194 -28.87 17.77 -6.34
CA THR C 194 -29.59 18.09 -5.12
C THR C 194 -29.46 19.58 -4.83
N LYS C 195 -29.77 19.97 -3.61
CA LYS C 195 -29.70 21.37 -3.19
C LYS C 195 -28.71 21.56 -2.05
N PRO D 6 22.63 21.17 0.39
CA PRO D 6 21.97 20.71 -0.83
C PRO D 6 21.58 19.24 -0.81
N MET D 7 20.64 18.84 -1.67
CA MET D 7 20.19 17.46 -1.75
C MET D 7 21.19 16.54 -2.43
N VAL D 8 22.09 17.08 -3.26
CA VAL D 8 23.23 16.34 -3.81
C VAL D 8 24.46 17.22 -3.67
N LYS D 9 25.48 16.72 -2.97
CA LYS D 9 26.67 17.52 -2.72
C LYS D 9 27.65 17.42 -3.89
N GLY D 10 28.27 18.55 -4.22
CA GLY D 10 29.37 18.57 -5.17
C GLY D 10 28.97 18.55 -6.63
N LEU D 11 27.74 18.92 -6.96
CA LEU D 11 27.26 18.88 -8.35
C LEU D 11 26.29 20.06 -8.52
N GLU D 12 26.83 21.20 -8.90
CA GLU D 12 26.07 22.46 -8.88
C GLU D 12 24.83 22.37 -9.76
N LYS D 13 25.02 22.10 -11.05
CA LYS D 13 23.89 22.08 -11.98
C LYS D 13 22.99 20.88 -11.75
N PHE D 14 23.56 19.74 -11.36
CA PHE D 14 22.75 18.57 -11.05
C PHE D 14 21.86 18.84 -9.84
N ASN D 15 22.42 19.43 -8.79
CA ASN D 15 21.65 19.70 -7.60
C ASN D 15 20.56 20.72 -7.84
N GLU D 16 20.78 21.69 -8.73
CA GLU D 16 19.72 22.63 -9.07
C GLU D 16 18.54 21.90 -9.71
N LEU D 17 18.83 21.01 -10.66
CA LEU D 17 17.78 20.23 -11.30
C LEU D 17 17.05 19.35 -10.29
N VAL D 18 17.81 18.66 -9.43
CA VAL D 18 17.19 17.89 -8.35
C VAL D 18 16.25 18.78 -7.55
N GLU D 19 16.71 20.00 -7.22
CA GLU D 19 15.89 20.94 -6.45
C GLU D 19 14.61 21.29 -7.19
N SER D 20 14.70 21.48 -8.51
CA SER D 20 13.52 21.86 -9.29
C SER D 20 12.47 20.76 -9.27
N PHE D 21 12.89 19.51 -9.50
CA PHE D 21 11.95 18.40 -9.39
C PHE D 21 11.36 18.31 -7.99
N ALA D 22 12.18 18.59 -6.97
CA ALA D 22 11.71 18.45 -5.59
C ALA D 22 10.64 19.46 -5.24
N ASN D 23 10.60 20.60 -5.93
CA ASN D 23 9.55 21.60 -5.70
C ASN D 23 8.28 21.32 -6.49
N LEU D 24 8.23 20.24 -7.26
CA LEU D 24 6.99 19.85 -7.88
C LEU D 24 6.10 19.13 -6.87
N PRO D 25 4.78 19.20 -7.04
CA PRO D 25 3.89 18.56 -6.08
C PRO D 25 4.03 17.04 -6.10
N THR D 26 4.06 16.46 -4.90
CA THR D 26 4.12 15.03 -4.65
C THR D 26 5.42 14.39 -5.09
N ILE D 27 6.48 15.18 -5.30
CA ILE D 27 7.78 14.67 -5.71
C ILE D 27 8.72 14.82 -4.53
N GLY D 28 9.15 13.69 -3.95
CA GLY D 28 10.09 13.71 -2.85
C GLY D 28 11.54 13.74 -3.33
N LYS D 29 12.45 13.92 -2.37
CA LYS D 29 13.88 14.00 -2.67
C LYS D 29 14.36 12.79 -3.46
N LYS D 30 14.04 11.59 -2.95
CA LYS D 30 14.49 10.38 -3.62
C LYS D 30 14.02 10.33 -5.07
N THR D 31 12.77 10.68 -5.33
CA THR D 31 12.27 10.65 -6.70
C THR D 31 12.94 11.72 -7.55
N ALA D 32 13.13 12.92 -6.99
CA ALA D 32 13.84 13.98 -7.72
C ALA D 32 15.20 13.51 -8.20
N ILE D 33 15.98 12.88 -7.30
CA ILE D 33 17.31 12.43 -7.67
C ILE D 33 17.23 11.36 -8.76
N ARG D 34 16.23 10.47 -8.66
CA ARG D 34 16.04 9.44 -9.68
C ARG D 34 15.70 10.07 -11.03
N LEU D 35 14.82 11.07 -11.03
CA LEU D 35 14.45 11.72 -12.29
C LEU D 35 15.62 12.50 -12.88
N ALA D 36 16.35 13.25 -12.05
CA ALA D 36 17.47 14.04 -12.56
C ALA D 36 18.57 13.14 -13.13
N TYR D 37 18.85 12.04 -12.44
CA TYR D 37 19.84 11.09 -12.93
C TYR D 37 19.39 10.47 -14.25
N HIS D 38 18.12 10.09 -14.35
CA HIS D 38 17.62 9.46 -15.56
C HIS D 38 17.77 10.37 -16.78
N LEU D 39 17.45 11.66 -16.62
CA LEU D 39 17.57 12.59 -17.75
C LEU D 39 19.00 13.02 -18.03
N CYS D 40 19.92 12.90 -17.06
CA CYS D 40 21.29 13.33 -17.30
C CYS D 40 22.18 12.23 -17.82
N ILE D 41 21.92 10.98 -17.44
CA ILE D 41 22.80 9.87 -17.77
C ILE D 41 22.15 8.86 -18.70
N ASN D 42 20.88 8.53 -18.47
CA ASN D 42 20.27 7.40 -19.16
C ASN D 42 19.52 7.78 -20.44
N ASN D 43 18.89 8.96 -20.47
CA ASN D 43 18.19 9.37 -21.69
C ASN D 43 18.14 10.90 -21.72
N GLN D 44 19.20 11.50 -22.25
CA GLN D 44 19.23 12.95 -22.35
C GLN D 44 18.21 13.46 -23.36
N ILE D 45 17.83 12.64 -24.34
CA ILE D 45 16.81 13.06 -25.29
C ILE D 45 15.47 13.23 -24.60
N ASP D 46 15.17 12.38 -23.61
CA ASP D 46 13.95 12.56 -22.84
C ASP D 46 13.98 13.87 -22.06
N GLY D 47 15.14 14.22 -21.51
CA GLY D 47 15.25 15.50 -20.83
C GLY D 47 14.98 16.67 -21.75
N MET D 48 15.71 16.74 -22.86
CA MET D 48 15.49 17.79 -23.83
C MET D 48 14.06 17.80 -24.35
N LYS D 49 13.48 16.61 -24.58
CA LYS D 49 12.06 16.53 -24.93
C LYS D 49 11.20 17.19 -23.87
N LEU D 50 11.47 16.89 -22.60
CA LEU D 50 10.69 17.45 -21.50
C LEU D 50 10.84 18.96 -21.43
N ALA D 51 12.06 19.47 -21.57
CA ALA D 51 12.27 20.90 -21.45
C ALA D 51 11.58 21.66 -22.57
N HIS D 52 11.66 21.15 -23.80
CA HIS D 52 10.97 21.76 -24.92
C HIS D 52 9.46 21.75 -24.71
N ASN D 53 8.92 20.61 -24.29
CA ASN D 53 7.47 20.51 -24.08
C ASN D 53 7.00 21.45 -22.98
N ILE D 54 7.78 21.55 -21.90
CA ILE D 54 7.43 22.49 -20.82
C ILE D 54 7.33 23.90 -21.38
N GLU D 55 8.38 24.36 -22.07
CA GLU D 55 8.35 25.70 -22.64
C GLU D 55 7.29 25.83 -23.71
N ASN D 56 7.09 24.75 -24.49
CA ASN D 56 6.08 24.78 -25.55
C ASN D 56 4.68 24.93 -24.96
N ALA D 57 4.37 24.14 -23.93
CA ALA D 57 3.04 24.19 -23.33
C ALA D 57 2.83 25.46 -22.53
N ILE D 58 3.90 26.02 -21.97
CA ILE D 58 3.76 27.13 -21.03
C ILE D 58 3.54 28.47 -21.76
N ARG D 59 4.10 28.64 -22.96
CA ARG D 59 3.91 29.91 -23.64
C ARG D 59 2.67 29.94 -24.54
N PHE D 60 2.07 28.78 -24.83
CA PHE D 60 0.88 28.72 -25.68
C PHE D 60 -0.39 28.35 -24.94
N ILE D 61 -0.30 27.85 -23.71
CA ILE D 61 -1.47 27.43 -22.96
C ILE D 61 -1.58 28.32 -21.72
N LYS D 62 -2.61 29.14 -21.69
CA LYS D 62 -2.93 30.04 -20.59
C LYS D 62 -4.39 29.86 -20.21
N PRO D 63 -4.79 30.27 -19.02
CA PRO D 63 -6.20 30.10 -18.62
C PRO D 63 -7.13 30.97 -19.45
N CYS D 64 -8.33 30.45 -19.68
CA CYS D 64 -9.37 31.22 -20.36
C CYS D 64 -9.73 32.44 -19.54
N GLU D 65 -9.85 33.59 -20.20
CA GLU D 65 -10.10 34.84 -19.49
C GLU D 65 -11.45 34.82 -18.80
N GLN D 66 -12.42 34.07 -19.34
CA GLN D 66 -13.76 34.02 -18.74
C GLN D 66 -13.81 33.01 -17.59
N CYS D 67 -13.62 31.73 -17.91
CA CYS D 67 -13.85 30.67 -16.93
C CYS D 67 -12.58 30.16 -16.26
N GLY D 68 -11.45 30.16 -16.96
CA GLY D 68 -10.21 29.67 -16.42
C GLY D 68 -9.75 28.34 -16.97
N ALA D 69 -10.51 27.74 -17.89
CA ALA D 69 -10.12 26.48 -18.51
C ALA D 69 -8.85 26.66 -19.33
N LEU D 70 -8.03 25.61 -19.36
CA LEU D 70 -6.84 25.63 -20.21
C LEU D 70 -7.26 25.85 -21.65
N SER D 71 -6.60 26.80 -22.31
CA SER D 71 -7.03 27.26 -23.62
C SER D 71 -5.83 27.77 -24.41
N GLU D 72 -5.94 27.69 -25.73
CA GLU D 72 -4.94 28.25 -26.65
C GLU D 72 -5.32 29.63 -27.16
N ASN D 73 -6.49 30.14 -26.80
CA ASN D 73 -6.93 31.48 -27.18
C ASN D 73 -7.42 32.20 -25.93
N GLU D 74 -7.80 33.48 -26.10
CA GLU D 74 -8.25 34.27 -24.97
C GLU D 74 -9.53 33.71 -24.37
N LEU D 75 -10.42 33.18 -25.20
CA LEU D 75 -11.58 32.42 -24.75
C LEU D 75 -11.46 30.97 -25.20
N CYS D 76 -11.84 30.04 -24.32
CA CYS D 76 -11.77 28.62 -24.63
C CYS D 76 -12.91 28.24 -25.57
N GLU D 77 -12.82 27.02 -26.11
CA GLU D 77 -13.81 26.56 -27.09
C GLU D 77 -15.22 26.61 -26.52
N ILE D 78 -15.36 26.42 -25.21
CA ILE D 78 -16.69 26.37 -24.60
C ILE D 78 -17.29 27.77 -24.50
N CYS D 79 -16.52 28.74 -23.99
CA CYS D 79 -17.01 30.10 -23.89
C CYS D 79 -17.23 30.72 -25.27
N SER D 80 -16.49 30.27 -26.27
CA SER D 80 -16.67 30.75 -27.64
C SER D 80 -17.63 29.83 -28.39
N ASP D 81 -18.86 29.76 -27.88
CA ASP D 81 -19.88 28.88 -28.45
C ASP D 81 -21.25 29.41 -28.02
N LYS D 82 -21.98 30.02 -28.97
CA LYS D 82 -23.30 30.55 -28.68
C LYS D 82 -24.38 29.49 -28.64
N GLU D 83 -24.11 28.29 -29.16
CA GLU D 83 -25.05 27.17 -29.09
C GLU D 83 -24.81 26.37 -27.81
N ARG D 84 -24.95 27.10 -26.71
CA ARG D 84 -24.55 26.67 -25.39
C ARG D 84 -25.44 27.41 -24.41
N ASN D 85 -25.94 26.71 -23.39
CA ASN D 85 -26.82 27.36 -22.43
C ASN D 85 -26.03 28.36 -21.61
N LYS D 86 -26.16 29.65 -21.96
CA LYS D 86 -25.52 30.74 -21.23
C LYS D 86 -26.31 31.17 -19.98
N ASN D 87 -27.25 30.34 -19.51
CA ASN D 87 -27.99 30.63 -18.29
C ASN D 87 -27.59 29.74 -17.12
N ILE D 88 -26.80 28.69 -17.33
CA ILE D 88 -26.34 27.82 -16.26
C ILE D 88 -24.83 27.96 -16.13
N LEU D 89 -24.36 28.10 -14.89
CA LEU D 89 -22.93 28.19 -14.60
C LEU D 89 -22.54 27.05 -13.67
N CYS D 90 -21.54 26.27 -14.07
CA CYS D 90 -21.08 25.12 -13.31
C CYS D 90 -19.73 25.44 -12.70
N ILE D 91 -19.68 25.48 -11.36
CA ILE D 91 -18.48 25.87 -10.63
C ILE D 91 -17.64 24.63 -10.32
N VAL D 92 -16.34 24.70 -10.62
CA VAL D 92 -15.42 23.59 -10.38
C VAL D 92 -14.17 24.10 -9.66
N GLU D 93 -13.43 23.15 -9.10
CA GLU D 93 -12.22 23.45 -8.35
C GLU D 93 -10.97 23.50 -9.23
N SER D 94 -11.00 22.88 -10.41
CA SER D 94 -9.81 22.74 -11.24
C SER D 94 -10.22 22.67 -12.70
N PRO D 95 -9.36 23.09 -13.63
CA PRO D 95 -9.71 22.98 -15.06
C PRO D 95 -9.85 21.56 -15.54
N LYS D 96 -9.12 20.60 -14.95
CA LYS D 96 -9.25 19.19 -15.32
C LYS D 96 -10.70 18.73 -15.20
N ASP D 97 -11.42 19.26 -14.22
CA ASP D 97 -12.80 18.89 -14.00
C ASP D 97 -13.70 19.29 -15.16
N ILE D 98 -13.29 20.32 -15.92
CA ILE D 98 -14.06 20.70 -17.11
C ILE D 98 -13.96 19.62 -18.18
N LEU D 99 -12.75 19.07 -18.39
CA LEU D 99 -12.61 17.94 -19.30
C LEU D 99 -13.49 16.78 -18.86
N THR D 100 -13.44 16.46 -17.57
CA THR D 100 -14.16 15.30 -17.07
C THR D 100 -15.67 15.49 -17.25
N LEU D 101 -16.19 16.65 -16.88
CA LEU D 101 -17.63 16.87 -16.99
C LEU D 101 -18.09 16.91 -18.44
N GLU D 102 -17.22 17.30 -19.37
CA GLU D 102 -17.57 17.25 -20.78
C GLU D 102 -17.57 15.82 -21.29
N GLU D 103 -16.64 15.00 -20.79
CA GLU D 103 -16.54 13.61 -21.19
C GLU D 103 -17.80 12.82 -20.79
N SER D 104 -18.50 13.26 -19.74
CA SER D 104 -19.70 12.58 -19.28
C SER D 104 -20.91 12.82 -20.17
N GLN D 105 -20.90 13.90 -20.96
CA GLN D 105 -22.00 14.22 -21.88
C GLN D 105 -23.33 14.38 -21.13
N SER D 106 -23.30 15.20 -20.09
CA SER D 106 -24.46 15.45 -19.26
C SER D 106 -24.85 16.92 -19.18
N TYR D 107 -24.02 17.82 -19.70
CA TYR D 107 -24.15 19.25 -19.42
C TYR D 107 -23.76 20.06 -20.65
N ASN D 108 -24.56 21.08 -20.96
CA ASN D 108 -24.31 21.94 -22.10
C ASN D 108 -24.25 23.42 -21.69
N GLY D 109 -24.08 23.71 -20.41
CA GLY D 109 -23.94 25.07 -19.95
C GLY D 109 -22.50 25.52 -19.89
N LEU D 110 -22.24 26.52 -19.05
CA LEU D 110 -20.93 27.12 -18.93
C LEU D 110 -20.25 26.68 -17.63
N TYR D 111 -18.93 26.91 -17.58
CA TYR D 111 -18.13 26.55 -16.43
C TYR D 111 -17.45 27.78 -15.84
N PHE D 112 -17.00 27.64 -14.60
CA PHE D 112 -16.20 28.64 -13.92
C PHE D 112 -15.29 27.92 -12.94
N VAL D 113 -13.98 28.10 -13.09
CA VAL D 113 -13.00 27.47 -12.20
C VAL D 113 -12.83 28.39 -11.00
N LEU D 114 -13.26 27.92 -9.83
CA LEU D 114 -13.10 28.65 -8.58
C LEU D 114 -12.11 27.88 -7.70
N ASP D 115 -10.83 27.95 -8.10
CA ASP D 115 -9.79 27.28 -7.33
C ASP D 115 -9.34 28.10 -6.14
N GLU D 116 -9.84 29.32 -6.00
CA GLU D 116 -9.47 30.20 -4.90
C GLU D 116 -10.60 31.19 -4.68
N LEU D 117 -10.60 31.80 -3.49
CA LEU D 117 -11.63 32.78 -3.18
C LEU D 117 -11.06 34.19 -3.14
N ASN D 118 -10.37 34.60 -4.20
CA ASN D 118 -9.87 35.96 -4.26
C ASN D 118 -11.07 36.91 -4.24
N GLU D 119 -10.91 38.04 -3.54
CA GLU D 119 -11.82 39.17 -3.76
C GLU D 119 -11.93 39.50 -5.25
N GLU D 120 -10.82 39.38 -5.98
CA GLU D 120 -10.82 39.67 -7.41
C GLU D 120 -11.46 38.52 -8.21
N LYS D 121 -11.20 37.27 -7.82
CA LYS D 121 -11.79 36.16 -8.57
C LYS D 121 -13.28 36.01 -8.29
N LEU D 122 -13.71 36.36 -7.08
CA LEU D 122 -15.13 36.39 -6.78
C LEU D 122 -15.84 37.47 -7.60
N GLU D 123 -15.18 38.60 -7.80
CA GLU D 123 -15.78 39.68 -8.60
C GLU D 123 -15.94 39.26 -10.06
N LYS D 124 -14.97 38.52 -10.60
CA LYS D 124 -15.12 37.98 -11.94
C LYS D 124 -16.31 37.03 -12.03
N LEU D 125 -16.49 36.20 -10.99
CA LEU D 125 -17.66 35.33 -10.95
C LEU D 125 -18.94 36.15 -10.83
N LYS D 126 -18.91 37.24 -10.07
CA LYS D 126 -20.08 38.10 -9.93
C LYS D 126 -20.43 38.79 -11.24
N GLN D 127 -19.43 39.11 -12.06
CA GLN D 127 -19.69 39.78 -13.33
C GLN D 127 -20.17 38.81 -14.40
N ILE D 128 -19.78 37.54 -14.32
CA ILE D 128 -20.35 36.56 -15.26
C ILE D 128 -21.81 36.29 -14.93
N ILE D 129 -22.13 36.18 -13.63
CA ILE D 129 -23.52 35.96 -13.22
C ILE D 129 -24.40 37.15 -13.61
N LEU D 130 -23.86 38.37 -13.55
CA LEU D 130 -24.65 39.55 -13.83
C LEU D 130 -24.78 39.84 -15.33
N LYS D 131 -23.79 39.45 -16.13
CA LYS D 131 -23.81 39.79 -17.55
C LYS D 131 -24.48 38.72 -18.41
N LEU D 132 -24.45 37.45 -18.00
CA LEU D 132 -25.08 36.37 -18.73
C LEU D 132 -26.48 36.05 -18.22
N ASN D 133 -26.92 36.70 -17.16
CA ASN D 133 -28.20 36.42 -16.49
C ASN D 133 -28.29 34.96 -16.08
N ILE D 134 -27.31 34.53 -15.29
CA ILE D 134 -27.28 33.17 -14.77
C ILE D 134 -28.43 32.99 -13.79
N SER D 135 -29.23 31.94 -14.01
CA SER D 135 -30.33 31.64 -13.10
C SER D 135 -30.01 30.50 -12.13
N GLU D 136 -29.02 29.67 -12.45
CA GLU D 136 -28.68 28.54 -11.58
C GLU D 136 -27.17 28.34 -11.52
N LEU D 137 -26.64 28.25 -10.31
CA LEU D 137 -25.27 27.81 -10.06
C LEU D 137 -25.27 26.32 -9.75
N ILE D 138 -24.46 25.56 -10.49
CA ILE D 138 -24.26 24.14 -10.23
C ILE D 138 -22.89 23.97 -9.60
N PHE D 139 -22.85 23.49 -8.36
CA PHE D 139 -21.59 23.19 -7.67
C PHE D 139 -21.17 21.77 -8.02
N ALA D 140 -20.21 21.65 -8.93
CA ALA D 140 -19.65 20.34 -9.29
C ALA D 140 -18.35 20.09 -8.52
N LEU D 141 -18.44 20.16 -7.20
CA LEU D 141 -17.30 19.99 -6.32
C LEU D 141 -17.26 18.56 -5.78
N THR D 142 -16.05 18.12 -5.46
CA THR D 142 -15.92 16.88 -4.70
C THR D 142 -16.72 17.01 -3.41
N HIS D 143 -17.21 15.90 -2.90
CA HIS D 143 -17.94 15.92 -1.65
C HIS D 143 -16.92 15.80 -0.52
N SER D 144 -16.68 16.91 0.17
CA SER D 144 -15.60 17.04 1.13
C SER D 144 -15.90 18.18 2.09
N ILE D 145 -15.13 18.23 3.18
CA ILE D 145 -15.29 19.30 4.18
C ILE D 145 -14.99 20.66 3.55
N ASN D 146 -13.95 20.74 2.72
CA ASN D 146 -13.61 22.05 2.14
C ASN D 146 -14.65 22.51 1.13
N SER D 147 -15.20 21.60 0.32
CA SER D 147 -16.22 21.99 -0.65
C SER D 147 -17.45 22.54 0.05
N ASP D 148 -17.83 21.95 1.19
CA ASP D 148 -18.89 22.51 2.02
C ASP D 148 -18.63 23.98 2.33
N ALA D 149 -17.41 24.29 2.79
CA ALA D 149 -17.07 25.66 3.14
C ALA D 149 -17.21 26.60 1.94
N THR D 150 -16.85 26.13 0.75
CA THR D 150 -16.95 26.96 -0.45
C THR D 150 -18.41 27.20 -0.84
N ILE D 151 -19.24 26.15 -0.79
CA ILE D 151 -20.65 26.31 -1.12
C ILE D 151 -21.32 27.27 -0.15
N PHE D 152 -21.04 27.11 1.15
CA PHE D 152 -21.56 28.02 2.16
C PHE D 152 -21.14 29.46 1.88
N PHE D 153 -19.85 29.67 1.58
CA PHE D 153 -19.34 31.00 1.29
C PHE D 153 -20.06 31.59 0.08
N ILE D 154 -20.11 30.85 -1.03
CA ILE D 154 -20.81 31.34 -2.22
C ILE D 154 -22.30 31.51 -1.96
N GLU D 155 -22.87 30.69 -1.06
CA GLU D 155 -24.28 30.87 -0.72
C GLU D 155 -24.50 32.18 0.02
N ASP D 156 -23.59 32.54 0.93
CA ASP D 156 -23.76 33.80 1.67
C ASP D 156 -23.43 35.00 0.79
N LYS D 157 -22.46 34.87 -0.11
CA LYS D 157 -22.00 36.01 -0.90
C LYS D 157 -23.06 36.46 -1.90
N PHE D 158 -23.61 35.52 -2.66
CA PHE D 158 -24.55 35.83 -3.74
C PHE D 158 -26.01 35.69 -3.28
N LYS D 159 -26.31 36.20 -2.08
CA LYS D 159 -27.64 36.01 -1.50
C LYS D 159 -28.73 36.74 -2.29
N GLY D 160 -28.40 37.86 -2.92
CA GLY D 160 -29.40 38.58 -3.69
C GLY D 160 -29.12 38.62 -5.18
N LEU D 161 -29.63 37.64 -5.92
CA LEU D 161 -29.42 37.59 -7.36
C LEU D 161 -30.41 36.66 -8.06
N ASN D 162 -31.46 36.23 -7.34
CA ASN D 162 -32.46 35.28 -7.84
C ASN D 162 -31.82 33.96 -8.27
N LEU D 163 -30.72 33.58 -7.63
CA LEU D 163 -29.98 32.40 -8.05
C LEU D 163 -30.61 31.14 -7.48
N THR D 164 -30.63 30.09 -8.30
CA THR D 164 -30.89 28.73 -7.86
C THR D 164 -29.56 28.04 -7.64
N PHE D 165 -29.42 27.35 -6.50
CA PHE D 165 -28.20 26.65 -6.14
C PHE D 165 -28.44 25.15 -6.14
N SER D 166 -27.57 24.39 -6.80
CA SER D 166 -27.63 22.94 -6.80
C SER D 166 -26.21 22.38 -6.81
N LYS D 167 -26.10 21.11 -6.42
CA LYS D 167 -24.80 20.44 -6.42
C LYS D 167 -24.98 19.03 -7.00
N ILE D 168 -23.91 18.53 -7.63
CA ILE D 168 -23.98 17.20 -8.21
C ILE D 168 -24.23 16.20 -7.10
N ALA D 169 -24.89 15.10 -7.45
CA ALA D 169 -25.40 14.18 -6.46
C ALA D 169 -24.27 13.42 -5.79
N GLN D 170 -24.41 13.18 -4.49
CA GLN D 170 -23.54 12.31 -3.75
C GLN D 170 -24.19 10.94 -3.66
N GLY D 171 -23.40 9.89 -3.88
CA GLY D 171 -23.94 8.55 -3.88
C GLY D 171 -22.90 7.50 -4.16
N ILE D 172 -23.31 6.42 -4.80
CA ILE D 172 -22.45 5.26 -5.01
C ILE D 172 -22.14 5.13 -6.49
N PRO D 173 -20.90 4.88 -6.88
CA PRO D 173 -20.56 4.70 -8.29
C PRO D 173 -21.02 3.34 -8.79
N SER D 174 -20.76 3.10 -10.07
CA SER D 174 -21.08 1.82 -10.70
C SER D 174 -20.21 0.69 -10.13
N GLY D 175 -20.81 -0.50 -10.05
CA GLY D 175 -20.07 -1.72 -9.78
C GLY D 175 -19.42 -1.80 -8.41
N VAL D 176 -19.87 -1.00 -7.45
CA VAL D 176 -19.28 -0.96 -6.12
C VAL D 176 -20.24 -1.62 -5.15
N ASN D 177 -19.72 -2.53 -4.33
CA ASN D 177 -20.52 -3.14 -3.28
C ASN D 177 -20.74 -2.16 -2.14
N LEU D 178 -21.88 -2.31 -1.47
CA LEU D 178 -22.30 -1.34 -0.45
C LEU D 178 -21.32 -1.26 0.72
N GLU D 179 -20.67 -2.38 1.08
CA GLU D 179 -19.73 -2.33 2.19
C GLU D 179 -18.40 -1.71 1.79
N ASN D 180 -18.08 -1.67 0.49
CA ASN D 180 -16.92 -0.97 -0.03
C ASN D 180 -17.19 0.50 -0.30
N VAL D 181 -18.12 1.09 0.45
CA VAL D 181 -18.45 2.50 0.38
C VAL D 181 -18.40 3.06 1.79
N ASP D 182 -17.86 4.27 1.93
CA ASP D 182 -17.83 4.92 3.23
C ASP D 182 -19.26 5.16 3.72
N LEU D 183 -19.43 5.13 5.04
CA LEU D 183 -20.77 5.19 5.63
C LEU D 183 -21.45 6.53 5.38
N ILE D 184 -20.67 7.61 5.27
CA ILE D 184 -21.30 8.92 5.05
C ILE D 184 -21.86 9.02 3.64
N SER D 185 -21.20 8.39 2.66
CA SER D 185 -21.76 8.37 1.31
C SER D 185 -22.97 7.46 1.24
N LEU D 186 -22.93 6.34 1.97
CA LEU D 186 -24.07 5.44 2.04
C LEU D 186 -25.29 6.15 2.62
N ASN D 187 -25.08 6.87 3.73
CA ASN D 187 -26.15 7.65 4.34
C ASN D 187 -26.75 8.63 3.34
N LYS D 188 -25.90 9.38 2.64
CA LYS D 188 -26.41 10.35 1.67
C LYS D 188 -27.11 9.66 0.51
N ALA D 189 -26.56 8.53 0.05
CA ALA D 189 -27.20 7.80 -1.04
C ALA D 189 -28.57 7.27 -0.66
N MET D 190 -28.78 6.95 0.62
CA MET D 190 -30.07 6.43 1.05
C MET D 190 -31.05 7.58 1.34
N ASN D 191 -30.59 8.60 2.06
CA ASN D 191 -31.45 9.75 2.36
C ASN D 191 -31.86 10.51 1.11
N PHE D 192 -31.07 10.45 0.04
CA PHE D 192 -31.36 11.15 -1.20
C PHE D 192 -31.54 10.18 -2.36
N ARG D 193 -32.16 9.04 -2.06
CA ARG D 193 -32.50 8.08 -3.10
C ARG D 193 -33.37 8.73 -4.17
N THR D 194 -33.24 8.24 -5.39
CA THR D 194 -33.94 8.82 -6.53
C THR D 194 -35.04 7.90 -7.02
N LYS D 195 -36.09 8.49 -7.55
CA LYS D 195 -37.27 7.73 -7.96
C LYS D 195 -37.21 7.33 -9.43
#